data_6NV8
#
_entry.id   6NV8
#
_cell.length_a   59.350
_cell.length_b   143.110
_cell.length_c   133.350
_cell.angle_alpha   90.000
_cell.angle_beta   90.000
_cell.angle_gamma   90.000
#
_symmetry.space_group_name_H-M   'P 2 21 21'
#
loop_
_entity.id
_entity.type
_entity.pdbx_description
1 polymer 'Tyrosine phenol-lyase'
2 polymer 'Tyrosine phenol-lyase'
3 non-polymer 'POTASSIUM ION'
4 non-polymer pyridin-4-ol
5 non-polymer '2-{[(E)-{3-hydroxy-2-methyl-5-[(phosphonooxy)methyl]pyridin-4-yl}methylidene]amino}prop-2-enoic acid'
6 non-polymer 3,6,9,12,15,18-HEXAOXAICOSANE-1,20-DIOL
7 non-polymer '2-AMINO-ACRYLIC ACID'
8 water water
#
loop_
_entity_poly.entity_id
_entity_poly.type
_entity_poly.pdbx_seq_one_letter_code
_entity_poly.pdbx_strand_id
1 'polypeptide(L)'
;MNYPAEPFRIKSVETVSMIPRDERLKKMQEAGYNTFLLNSKDIYIDLLTDSGTNAMSDKQWAGMMMGDEAYAGSENFYHL
ERTVQELFGFKHIVPTHQGRGAENLLSQLAIKPGQYVAGNMYFTTTRYHQEKNGAVFVDIVRDEAHDAGLNIAFKGDIDL
KKLQKLIDEKGAENIAYICLAVTVNLAGGQPVSMANMRAVRELTEAHGIKVFYDATRCVENAYFIKEQEQGFENKSIAEI
VHEMFSYADGCTMSGKKDCLVNIGGFLCMNDDEMFSSAKELVVVYEGMPSYGGLAGRDMEAMAIGLREAMQYEYIEHRVK
QVRYLGDKLKAAGVPIVEPVGGHAVFLDARRFCEHLTQDEFPAQSLAASIYVETGVRSMERGIISAGRNNVTGEHHRPKL
ETVRLTIPRRVYTYAHMDVVADGIIKLYQHKEDIRGLKFIYEPKQLRFFTARFDYI
;
A
2 'polypeptide(L)'
;MNYPAEPFRIKSVETVSMIPRDERLKKMQEAGYNTFLLNSKDIYIDLLTDSGTNAMSDKQWAGMMMGDEAYAGSENFYHL
ERTVQELFGFKHIVPTHQGRGAENLLSQLAIKPGQYVAGNMYFTTTRYHQEKNGAVFVDIVRDEAHDAGLNIAFKGDIDL
KKLQKLIDEKGAENIAYICLAVTVNLAGGQPVSMANMRAVRELTEAHGIKVFYDATRCVENAYFIKEQEQGFENKSIAEI
VHEMFSYADGCTMSGK(LLP)DCLVNIGGFLCMNDDEMFSSAKELVVVYEGMPSYGGLAGRDMEAMAIGLREAMQYEYIE
HRVKQVRYLGDKLKAAGVPIVEPVGGHAVFLDARRFCEHLTQDEFPAQSLAASIYVETGVRSMERGIISAGRNNVTGEHH
RPKLETVRLTIPRRVYTYAHMDVVADGIIKLYQHKEDIRGLKFIYEPKQLRFFTARFDYI
;
B
#
loop_
_chem_comp.id
_chem_comp.type
_chem_comp.name
_chem_comp.formula
0JO non-polymer '2-{[(E)-{3-hydroxy-2-methyl-5-[(phosphonooxy)methyl]pyridin-4-yl}methylidene]amino}prop-2-enoic acid' 'C11 H13 N2 O7 P'
CQG non-polymer pyridin-4-ol 'C5 H5 N O'
K non-polymer 'POTASSIUM ION' 'K 1'
P33 non-polymer 3,6,9,12,15,18-HEXAOXAICOSANE-1,20-DIOL 'C14 H30 O8'
#
# COMPACT_ATOMS: atom_id res chain seq x y z
N ASN A 2 -15.87 -26.75 -23.12
CA ASN A 2 -15.94 -27.49 -21.85
C ASN A 2 -14.90 -26.92 -20.91
N TYR A 3 -13.66 -27.40 -21.04
CA TYR A 3 -12.54 -26.84 -20.28
C TYR A 3 -11.47 -26.46 -21.29
N PRO A 4 -11.32 -25.18 -21.60
CA PRO A 4 -10.38 -24.76 -22.64
C PRO A 4 -8.95 -24.74 -22.14
N ALA A 5 -8.03 -24.92 -23.09
CA ALA A 5 -6.62 -24.78 -22.78
C ALA A 5 -6.31 -23.31 -22.52
N GLU A 6 -5.15 -23.07 -21.92
CA GLU A 6 -4.73 -21.72 -21.59
C GLU A 6 -4.65 -20.85 -22.86
N PRO A 7 -5.31 -19.69 -22.89
CA PRO A 7 -5.21 -18.80 -24.06
C PRO A 7 -3.98 -17.92 -24.05
N PHE A 8 -2.83 -18.52 -23.76
CA PHE A 8 -1.54 -17.83 -23.69
C PHE A 8 -0.46 -18.91 -23.62
N ARG A 9 0.79 -18.49 -23.79
CA ARG A 9 1.92 -19.37 -23.58
C ARG A 9 2.64 -18.96 -22.30
N ILE A 10 3.53 -19.84 -21.84
CA ILE A 10 4.36 -19.52 -20.70
C ILE A 10 5.58 -18.76 -21.20
N LYS A 11 5.77 -17.55 -20.69
CA LYS A 11 6.93 -16.76 -21.04
C LYS A 11 8.08 -16.98 -20.08
N SER A 12 7.81 -17.05 -18.77
CA SER A 12 8.86 -17.32 -17.79
C SER A 12 8.23 -18.05 -16.61
N VAL A 13 9.04 -18.82 -15.91
CA VAL A 13 8.59 -19.70 -14.84
C VAL A 13 9.29 -19.36 -13.53
N GLU A 14 8.70 -19.85 -12.43
N GLU A 14 8.65 -19.77 -12.44
CA GLU A 14 9.38 -19.85 -11.14
CA GLU A 14 9.18 -19.61 -11.09
C GLU A 14 9.31 -21.26 -10.55
C GLU A 14 9.32 -21.01 -10.51
N THR A 15 10.43 -21.73 -10.03
N THR A 15 10.56 -21.43 -10.27
CA THR A 15 10.50 -23.10 -9.54
CA THR A 15 10.78 -22.78 -9.76
C THR A 15 9.82 -23.22 -8.18
C THR A 15 10.24 -22.90 -8.35
N VAL A 16 9.22 -24.38 -7.93
N VAL A 16 9.45 -23.95 -8.12
CA VAL A 16 8.56 -24.69 -6.67
CA VAL A 16 8.89 -24.22 -6.81
C VAL A 16 9.12 -26.01 -6.15
C VAL A 16 9.77 -25.25 -6.12
N SER A 17 8.78 -26.31 -4.90
N SER A 17 9.64 -25.34 -4.80
CA SER A 17 9.28 -27.51 -4.24
CA SER A 17 10.39 -26.30 -4.01
C SER A 17 8.34 -27.87 -3.09
C SER A 17 9.59 -27.59 -3.91
N MET A 18 8.51 -29.09 -2.58
N MET A 18 10.03 -28.62 -4.63
CA MET A 18 7.74 -29.59 -1.45
CA MET A 18 9.37 -29.92 -4.59
C MET A 18 8.70 -30.02 -0.35
C MET A 18 9.63 -30.59 -3.26
N ILE A 19 8.44 -29.59 0.88
N ILE A 19 9.03 -30.08 -2.19
CA ILE A 19 9.20 -30.03 2.04
CA ILE A 19 9.28 -30.58 -0.85
C ILE A 19 8.50 -31.25 2.63
C ILE A 19 8.56 -31.90 -0.66
N PRO A 20 9.22 -32.17 3.29
N PRO A 20 9.15 -32.88 0.02
CA PRO A 20 8.57 -33.37 3.79
CA PRO A 20 8.45 -34.15 0.26
C PRO A 20 7.47 -33.05 4.81
C PRO A 20 7.40 -34.00 1.34
N ARG A 21 6.53 -33.98 4.93
N ARG A 21 6.61 -35.06 1.49
CA ARG A 21 5.41 -33.83 5.86
CA ARG A 21 5.57 -35.05 2.53
C ARG A 21 5.89 -33.59 7.29
C ARG A 21 6.20 -34.99 3.92
N ASP A 22 7.05 -34.14 7.66
N ASP A 22 7.31 -35.67 4.13
CA ASP A 22 7.59 -33.89 8.99
CA ASP A 22 7.94 -35.68 5.46
C ASP A 22 7.93 -32.41 9.19
C ASP A 22 8.44 -34.31 5.86
N GLU A 23 8.58 -31.81 8.19
N GLU A 23 8.89 -33.49 4.89
CA GLU A 23 8.84 -30.37 8.26
CA GLU A 23 9.36 -32.16 5.19
C GLU A 23 7.55 -29.57 8.16
C GLU A 23 8.21 -31.16 5.30
N ARG A 24 6.64 -29.97 7.29
N ARG A 24 7.16 -31.32 4.50
CA ARG A 24 5.36 -29.29 7.15
CA ARG A 24 6.01 -30.42 4.63
C ARG A 24 4.59 -29.27 8.46
C ARG A 24 5.29 -30.64 5.95
N LEU A 25 4.71 -30.33 9.26
N LEU A 25 5.36 -31.85 6.50
CA LEU A 25 4.06 -30.35 10.55
CA LEU A 25 4.86 -32.08 7.85
C LEU A 25 4.73 -29.41 11.54
C LEU A 25 5.71 -31.36 8.87
N LYS A 26 6.07 -29.34 11.51
N LYS A 26 7.03 -31.51 8.79
CA LYS A 26 6.78 -28.38 12.34
CA LYS A 26 7.93 -30.81 9.70
C LYS A 26 6.45 -26.95 11.93
C LYS A 26 7.79 -29.30 9.57
N LYS A 27 6.29 -26.70 10.63
N LYS A 27 7.52 -28.78 8.37
CA LYS A 27 5.95 -25.38 10.14
CA LYS A 27 7.45 -27.33 8.19
C LYS A 27 4.55 -24.95 10.61
C LYS A 27 6.12 -26.76 8.68
N MET A 28 3.58 -25.86 10.55
N MET A 28 5.03 -27.48 8.49
CA MET A 28 2.25 -25.55 11.08
CA MET A 28 3.77 -27.05 9.11
C MET A 28 2.29 -25.32 12.59
C MET A 28 3.83 -27.19 10.62
N GLN A 29 3.08 -26.12 13.31
N GLN A 29 4.50 -28.24 11.13
CA GLN A 29 3.35 -25.86 14.72
CA GLN A 29 4.69 -28.34 12.57
C GLN A 29 3.98 -24.48 14.89
C GLN A 29 5.61 -27.22 13.07
N GLU A 30 5.01 -24.20 14.09
N GLU A 30 6.63 -26.86 12.29
CA GLU A 30 5.73 -22.94 14.19
CA GLU A 30 7.45 -25.71 12.66
C GLU A 30 4.82 -21.75 13.94
C GLU A 30 6.68 -24.41 12.51
N ALA A 31 3.81 -21.91 13.07
N ALA A 31 5.73 -24.36 11.58
CA ALA A 31 2.91 -20.83 12.69
CA ALA A 31 4.81 -23.24 11.43
C ALA A 31 1.66 -20.77 13.57
C ALA A 31 3.57 -23.39 12.31
N GLY A 32 1.59 -21.56 14.63
N GLY A 32 3.46 -24.47 13.07
CA GLY A 32 0.44 -21.50 15.52
CA GLY A 32 2.37 -24.64 14.03
C GLY A 32 -0.86 -21.93 14.87
C GLY A 32 0.98 -24.81 13.46
N TYR A 33 -0.78 -22.87 13.92
N TYR A 33 0.85 -25.51 12.34
CA TYR A 33 -1.93 -23.44 13.22
CA TYR A 33 -0.46 -25.88 11.77
C TYR A 33 -2.71 -22.41 12.39
C TYR A 33 -1.32 -24.64 11.50
N ASN A 34 -2.11 -21.26 12.10
N ASN A 34 -0.70 -23.60 10.96
CA ASN A 34 -2.70 -20.26 11.21
CA ASN A 34 -1.42 -22.40 10.56
C ASN A 34 -1.92 -20.27 9.90
C ASN A 34 -0.93 -22.00 9.18
N THR A 35 -2.62 -20.48 8.79
N THR A 35 -1.88 -21.73 8.26
CA THR A 35 -1.96 -20.56 7.49
CA THR A 35 -1.49 -21.43 6.89
C THR A 35 -1.33 -19.24 7.06
C THR A 35 -0.92 -20.02 6.75
N PHE A 36 -1.66 -18.11 7.71
N PHE A 36 -1.49 -19.04 7.45
CA PHE A 36 -1.08 -16.83 7.33
CA PHE A 36 -1.02 -17.67 7.28
C PHE A 36 0.34 -16.66 7.83
C PHE A 36 0.41 -17.48 7.79
N LEU A 37 0.77 -17.46 8.81
N LEU A 37 0.92 -18.41 8.58
CA LEU A 37 2.08 -17.33 9.42
CA LEU A 37 2.27 -18.36 9.11
C LEU A 37 3.09 -18.34 8.88
C LEU A 37 3.28 -19.10 8.26
N LEU A 38 2.85 -18.88 7.70
N LEU A 38 2.82 -19.88 7.29
CA LEU A 38 3.76 -19.81 7.03
CA LEU A 38 3.74 -20.60 6.42
C LEU A 38 4.68 -19.05 6.07
C LEU A 38 4.59 -19.63 5.61
N ASN A 39 5.79 -19.70 5.71
N ASN A 39 5.87 -19.96 5.45
CA ASN A 39 6.76 -19.15 4.80
CA ASN A 39 6.77 -19.21 4.60
C ASN A 39 6.47 -19.59 3.36
C ASN A 39 6.55 -19.63 3.15
N SER A 40 6.62 -18.67 2.41
N SER A 40 6.61 -18.65 2.24
CA SER A 40 6.28 -18.92 1.01
CA SER A 40 6.33 -18.89 0.82
C SER A 40 7.19 -19.98 0.39
C SER A 40 7.26 -19.94 0.22
N LYS A 41 8.48 -19.97 0.71
N LYS A 41 8.51 -19.98 0.69
CA LYS A 41 9.43 -20.92 0.14
CA LYS A 41 9.47 -20.95 0.15
C LYS A 41 9.05 -22.37 0.43
C LYS A 41 9.08 -22.39 0.44
N ASP A 42 8.34 -22.62 1.53
CA ASP A 42 7.95 -23.96 1.94
C ASP A 42 6.66 -24.45 1.29
N ILE A 43 6.08 -23.69 0.35
CA ILE A 43 4.76 -23.98 -0.19
C ILE A 43 4.88 -24.34 -1.66
N TYR A 44 4.24 -25.45 -2.04
CA TYR A 44 4.25 -25.92 -3.42
C TYR A 44 3.25 -25.15 -4.27
N ILE A 45 1.97 -25.21 -3.92
CA ILE A 45 0.90 -24.52 -4.65
C ILE A 45 0.24 -23.58 -3.66
N ASP A 46 0.38 -22.27 -3.89
CA ASP A 46 -0.06 -21.28 -2.91
C ASP A 46 -1.42 -20.72 -3.31
N LEU A 47 -2.47 -21.30 -2.71
CA LEU A 47 -3.85 -20.90 -2.97
C LEU A 47 -4.40 -20.07 -1.83
N LEU A 48 -3.54 -19.31 -1.14
CA LEU A 48 -3.98 -18.49 -0.03
C LEU A 48 -4.93 -17.39 -0.51
N THR A 49 -4.56 -16.71 -1.58
CA THR A 49 -5.37 -15.62 -2.13
C THR A 49 -5.08 -15.43 -3.60
N ASP A 50 -6.08 -14.90 -4.32
CA ASP A 50 -5.91 -14.47 -5.70
C ASP A 50 -5.52 -13.00 -5.78
N SER A 51 -5.17 -12.39 -4.65
CA SER A 51 -4.91 -10.96 -4.55
C SER A 51 -3.42 -10.68 -4.70
N GLY A 52 -3.04 -10.03 -5.79
CA GLY A 52 -1.66 -9.63 -5.98
C GLY A 52 -0.71 -10.75 -6.30
N THR A 53 -1.22 -11.97 -6.49
CA THR A 53 -0.41 -13.13 -6.82
C THR A 53 -0.46 -13.50 -8.30
N ASN A 54 -0.97 -12.62 -9.15
CA ASN A 54 -1.16 -12.93 -10.57
C ASN A 54 0.14 -12.87 -11.36
N ALA A 55 0.17 -13.64 -12.43
CA ALA A 55 1.27 -13.58 -13.37
C ALA A 55 0.96 -12.50 -14.40
N MET A 56 1.91 -11.60 -14.61
CA MET A 56 1.74 -10.56 -15.61
C MET A 56 2.18 -11.05 -16.99
N SER A 57 1.78 -10.30 -18.03
CA SER A 57 2.12 -10.66 -19.39
C SER A 57 3.40 -9.98 -19.83
N ASP A 58 3.91 -10.42 -20.99
CA ASP A 58 5.07 -9.75 -21.58
C ASP A 58 4.80 -8.28 -21.85
N LYS A 59 3.58 -7.95 -22.32
CA LYS A 59 3.22 -6.54 -22.54
C LYS A 59 3.26 -5.73 -21.25
N GLN A 60 2.72 -6.29 -20.15
CA GLN A 60 2.80 -5.58 -18.88
C GLN A 60 4.26 -5.40 -18.47
N TRP A 61 5.09 -6.44 -18.63
CA TRP A 61 6.51 -6.33 -18.28
C TRP A 61 7.23 -5.35 -19.20
N ALA A 62 6.82 -5.24 -20.47
CA ALA A 62 7.33 -4.16 -21.31
C ALA A 62 6.96 -2.80 -20.71
N GLY A 63 5.74 -2.68 -20.19
CA GLY A 63 5.36 -1.45 -19.52
C GLY A 63 6.14 -1.18 -18.25
N MET A 64 6.58 -2.22 -17.55
CA MET A 64 7.41 -2.04 -16.35
C MET A 64 8.76 -1.42 -16.67
N MET A 65 9.30 -1.66 -17.88
CA MET A 65 10.56 -1.05 -18.27
C MET A 65 10.41 0.41 -18.66
N MET A 66 9.18 0.90 -18.80
CA MET A 66 8.91 2.26 -19.23
C MET A 66 8.16 3.04 -18.16
N GLY A 67 8.43 2.71 -16.90
CA GLY A 67 8.00 3.50 -15.79
C GLY A 67 8.51 4.92 -15.87
N ASP A 68 7.57 5.86 -15.92
CA ASP A 68 7.82 7.29 -15.83
C ASP A 68 7.56 7.67 -14.38
N GLU A 69 8.63 7.84 -13.60
CA GLU A 69 8.50 7.96 -12.15
C GLU A 69 8.33 9.40 -11.69
N ALA A 70 7.88 10.29 -12.57
CA ALA A 70 7.69 11.69 -12.18
C ALA A 70 6.60 11.81 -11.10
N TYR A 71 6.81 12.78 -10.21
CA TYR A 71 5.88 13.00 -9.12
C TYR A 71 4.53 13.45 -9.64
N ALA A 72 4.53 14.19 -10.74
CA ALA A 72 3.32 14.71 -11.37
C ALA A 72 3.48 14.65 -12.89
N GLY A 73 2.37 14.45 -13.57
CA GLY A 73 2.37 14.46 -15.01
C GLY A 73 2.99 13.24 -15.64
N SER A 74 3.00 12.12 -14.91
CA SER A 74 3.58 10.90 -15.43
C SER A 74 2.76 10.38 -16.61
N GLU A 75 3.44 9.90 -17.65
CA GLU A 75 2.71 9.27 -18.76
C GLU A 75 1.95 8.03 -18.31
N ASN A 76 2.45 7.34 -17.29
CA ASN A 76 1.78 6.13 -16.81
C ASN A 76 0.45 6.47 -16.16
N PHE A 77 0.40 7.56 -15.37
CA PHE A 77 -0.86 7.99 -14.78
C PHE A 77 -1.88 8.33 -15.86
N TYR A 78 -1.45 9.07 -16.90
CA TYR A 78 -2.39 9.42 -17.96
C TYR A 78 -2.93 8.17 -18.65
N HIS A 79 -2.06 7.17 -18.90
CA HIS A 79 -2.52 5.92 -19.52
CA HIS A 79 -2.53 5.93 -19.53
C HIS A 79 -3.56 5.23 -18.64
N LEU A 80 -3.30 5.14 -17.34
CA LEU A 80 -4.26 4.51 -16.44
C LEU A 80 -5.55 5.31 -16.37
N GLU A 81 -5.46 6.64 -16.41
CA GLU A 81 -6.64 7.48 -16.32
C GLU A 81 -7.54 7.28 -17.55
N ARG A 82 -6.97 7.40 -18.75
CA ARG A 82 -7.72 7.17 -19.97
C ARG A 82 -8.32 5.76 -20.01
N THR A 83 -7.55 4.76 -19.58
CA THR A 83 -8.05 3.39 -19.64
C THR A 83 -9.27 3.21 -18.74
N VAL A 84 -9.18 3.70 -17.50
CA VAL A 84 -10.31 3.53 -16.59
C VAL A 84 -11.52 4.32 -17.08
N GLN A 85 -11.31 5.54 -17.58
CA GLN A 85 -12.44 6.32 -18.10
C GLN A 85 -13.08 5.65 -19.29
N GLU A 86 -12.29 5.01 -20.14
CA GLU A 86 -12.81 4.37 -21.35
C GLU A 86 -13.53 3.06 -21.04
N LEU A 87 -12.98 2.25 -20.12
CA LEU A 87 -13.55 0.93 -19.85
C LEU A 87 -14.63 0.93 -18.75
N PHE A 88 -14.48 1.74 -17.71
CA PHE A 88 -15.47 1.82 -16.64
C PHE A 88 -16.47 2.95 -16.85
N GLY A 89 -16.07 4.01 -17.55
CA GLY A 89 -16.98 5.10 -17.82
C GLY A 89 -17.09 6.15 -16.75
N PHE A 90 -16.29 6.07 -15.68
CA PHE A 90 -16.40 7.05 -14.61
C PHE A 90 -15.66 8.33 -14.97
N LYS A 91 -16.17 9.44 -14.41
CA LYS A 91 -15.62 10.75 -14.75
C LYS A 91 -14.23 10.94 -14.14
N HIS A 92 -14.07 10.62 -12.86
CA HIS A 92 -12.83 10.92 -12.15
C HIS A 92 -12.17 9.65 -11.64
N ILE A 93 -10.86 9.70 -11.55
CA ILE A 93 -10.06 8.53 -11.21
C ILE A 93 -8.92 8.97 -10.30
N VAL A 94 -8.80 8.31 -9.15
CA VAL A 94 -7.74 8.60 -8.19
C VAL A 94 -7.02 7.29 -7.90
N PRO A 95 -5.73 7.16 -8.23
CA PRO A 95 -5.04 5.91 -7.93
C PRO A 95 -4.77 5.76 -6.44
N THR A 96 -4.73 4.52 -5.98
CA THR A 96 -4.37 4.19 -4.60
C THR A 96 -3.44 2.99 -4.63
N HIS A 97 -2.73 2.77 -3.52
CA HIS A 97 -1.76 1.69 -3.53
C HIS A 97 -2.43 0.33 -3.63
N GLN A 98 -3.61 0.15 -3.04
CA GLN A 98 -4.44 -1.03 -3.30
C GLN A 98 -5.87 -0.76 -2.84
N GLY A 99 -6.68 -1.81 -2.77
CA GLY A 99 -8.12 -1.64 -2.62
C GLY A 99 -8.52 -0.96 -1.32
N ARG A 100 -8.01 -1.44 -0.18
CA ARG A 100 -8.43 -0.86 1.09
C ARG A 100 -7.98 0.59 1.21
N GLY A 101 -6.96 1.01 0.47
CA GLY A 101 -6.62 2.42 0.41
C GLY A 101 -7.74 3.26 -0.18
N ALA A 102 -8.38 2.76 -1.24
CA ALA A 102 -9.53 3.46 -1.81
C ALA A 102 -10.73 3.41 -0.86
N GLU A 103 -10.90 2.29 -0.14
CA GLU A 103 -12.00 2.18 0.83
C GLU A 103 -11.85 3.18 1.96
N ASN A 104 -10.62 3.38 2.44
CA ASN A 104 -10.37 4.38 3.48
C ASN A 104 -10.83 5.76 3.03
N LEU A 105 -10.56 6.10 1.77
CA LEU A 105 -10.99 7.40 1.25
C LEU A 105 -12.50 7.48 1.13
N LEU A 106 -13.12 6.45 0.55
CA LEU A 106 -14.56 6.51 0.32
C LEU A 106 -15.33 6.58 1.62
N SER A 107 -14.91 5.82 2.62
CA SER A 107 -15.63 5.81 3.89
C SER A 107 -15.55 7.16 4.58
N GLN A 108 -14.41 7.84 4.48
CA GLN A 108 -14.29 9.16 5.09
C GLN A 108 -15.03 10.23 4.31
N LEU A 109 -15.22 10.04 3.01
CA LEU A 109 -15.87 11.04 2.17
C LEU A 109 -17.38 10.93 2.16
N ALA A 110 -17.93 9.73 2.26
CA ALA A 110 -19.34 9.50 1.98
C ALA A 110 -20.16 9.10 3.20
N ILE A 111 -19.57 8.95 4.38
CA ILE A 111 -20.26 8.46 5.56
C ILE A 111 -20.32 9.56 6.61
N LYS A 112 -21.54 9.86 7.08
CA LYS A 112 -21.72 10.68 8.27
C LYS A 112 -21.98 9.78 9.47
N PRO A 113 -21.40 10.10 10.64
CA PRO A 113 -21.55 9.21 11.80
C PRO A 113 -23.01 9.01 12.18
N GLY A 114 -23.40 7.74 12.28
CA GLY A 114 -24.77 7.35 12.56
C GLY A 114 -25.52 6.81 11.36
N GLN A 115 -25.08 7.11 10.15
CA GLN A 115 -25.77 6.65 8.95
C GLN A 115 -25.59 5.15 8.75
N TYR A 116 -26.38 4.61 7.82
CA TYR A 116 -26.34 3.20 7.51
C TYR A 116 -25.67 2.99 6.16
N VAL A 117 -24.96 1.87 6.05
CA VAL A 117 -24.40 1.41 4.79
C VAL A 117 -24.93 0.00 4.59
N ALA A 118 -25.55 -0.24 3.43
CA ALA A 118 -26.12 -1.52 3.12
C ALA A 118 -25.41 -2.11 1.91
N GLY A 119 -25.18 -3.42 1.94
CA GLY A 119 -24.49 -4.09 0.85
C GLY A 119 -24.89 -5.54 0.76
N ASN A 120 -24.47 -6.16 -0.36
CA ASN A 120 -24.68 -7.59 -0.57
C ASN A 120 -23.57 -8.35 0.13
N MET A 121 -23.80 -8.65 1.42
CA MET A 121 -22.78 -9.17 2.34
C MET A 121 -21.64 -8.17 2.50
N TYR A 122 -20.65 -8.52 3.31
CA TYR A 122 -19.62 -7.57 3.70
C TYR A 122 -18.27 -8.17 3.34
N PHE A 123 -17.23 -7.35 3.46
CA PHE A 123 -15.85 -7.80 3.45
C PHE A 123 -15.14 -7.24 4.68
N THR A 124 -14.09 -7.93 5.10
CA THR A 124 -13.46 -7.62 6.39
C THR A 124 -12.92 -6.19 6.43
N THR A 125 -12.11 -5.79 5.42
CA THR A 125 -11.56 -4.43 5.44
C THR A 125 -12.61 -3.38 5.09
N THR A 126 -13.52 -3.70 4.17
CA THR A 126 -14.56 -2.75 3.77
C THR A 126 -15.47 -2.42 4.94
N ARG A 127 -15.90 -3.44 5.69
CA ARG A 127 -16.77 -3.20 6.83
C ARG A 127 -16.04 -2.48 7.95
N TYR A 128 -14.74 -2.73 8.09
CA TYR A 128 -13.99 -2.03 9.13
C TYR A 128 -13.97 -0.53 8.88
N HIS A 129 -13.64 -0.11 7.65
CA HIS A 129 -13.62 1.32 7.34
C HIS A 129 -14.99 1.95 7.45
N GLN A 130 -16.05 1.21 7.12
CA GLN A 130 -17.40 1.74 7.30
C GLN A 130 -17.71 1.95 8.78
N GLU A 131 -17.42 0.94 9.61
CA GLU A 131 -17.72 1.04 11.03
C GLU A 131 -16.77 2.02 11.73
N LYS A 132 -15.55 2.14 11.24
CA LYS A 132 -14.62 3.09 11.84
C LYS A 132 -15.08 4.52 11.65
N ASN A 133 -15.79 4.80 10.57
CA ASN A 133 -16.29 6.14 10.28
C ASN A 133 -17.70 6.36 10.83
N GLY A 134 -18.18 5.48 11.72
CA GLY A 134 -19.44 5.70 12.41
C GLY A 134 -20.66 5.10 11.75
N ALA A 135 -20.50 4.35 10.67
CA ALA A 135 -21.65 3.74 10.01
C ALA A 135 -21.98 2.40 10.62
N VAL A 136 -23.22 1.99 10.45
CA VAL A 136 -23.69 0.67 10.85
C VAL A 136 -23.97 -0.13 9.59
N PHE A 137 -23.40 -1.32 9.51
CA PHE A 137 -23.56 -2.16 8.33
C PHE A 137 -24.86 -2.95 8.38
N VAL A 138 -25.53 -3.06 7.23
CA VAL A 138 -26.75 -3.84 7.10
C VAL A 138 -26.61 -4.73 5.86
N ASP A 139 -26.71 -6.04 6.05
CA ASP A 139 -26.63 -6.99 4.94
C ASP A 139 -27.97 -7.08 4.23
N ILE A 140 -28.00 -6.78 2.94
CA ILE A 140 -29.23 -6.83 2.17
C ILE A 140 -29.13 -7.81 1.01
N VAL A 141 -28.15 -8.71 1.04
CA VAL A 141 -28.11 -9.78 0.04
C VAL A 141 -29.29 -10.71 0.27
N ARG A 142 -29.69 -11.40 -0.79
CA ARG A 142 -30.77 -12.37 -0.61
C ARG A 142 -30.30 -13.52 0.29
N ASP A 143 -31.26 -14.10 1.01
CA ASP A 143 -30.92 -15.08 2.03
C ASP A 143 -30.24 -16.32 1.43
N GLU A 144 -30.54 -16.63 0.16
CA GLU A 144 -29.98 -17.84 -0.45
C GLU A 144 -28.47 -17.78 -0.56
N ALA A 145 -27.89 -16.57 -0.57
CA ALA A 145 -26.44 -16.41 -0.66
C ALA A 145 -25.73 -16.93 0.58
N HIS A 146 -26.44 -17.11 1.69
CA HIS A 146 -25.85 -17.64 2.92
C HIS A 146 -25.92 -19.16 3.00
N ASP A 147 -26.56 -19.83 2.03
CA ASP A 147 -26.64 -21.27 2.03
C ASP A 147 -25.62 -21.84 1.06
N ALA A 148 -24.61 -22.52 1.60
CA ALA A 148 -23.45 -22.92 0.81
C ALA A 148 -23.80 -23.90 -0.30
N GLY A 149 -24.71 -24.84 -0.03
CA GLY A 149 -25.01 -25.88 -0.99
C GLY A 149 -26.08 -25.54 -2.01
N LEU A 150 -26.78 -24.43 -1.83
CA LEU A 150 -27.85 -24.07 -2.76
C LEU A 150 -27.26 -23.62 -4.09
N ASN A 151 -27.55 -24.35 -5.15
CA ASN A 151 -26.95 -24.09 -6.45
C ASN A 151 -27.93 -23.27 -7.29
N ILE A 152 -27.87 -21.95 -7.13
CA ILE A 152 -28.67 -21.04 -7.93
C ILE A 152 -27.77 -19.96 -8.53
N ALA A 153 -28.21 -19.44 -9.67
CA ALA A 153 -27.44 -18.43 -10.38
C ALA A 153 -27.57 -17.07 -9.70
N PHE A 154 -26.49 -16.30 -9.79
CA PHE A 154 -26.46 -14.91 -9.33
C PHE A 154 -26.84 -14.79 -7.85
N LYS A 155 -26.15 -15.59 -7.02
CA LYS A 155 -26.37 -15.56 -5.58
C LYS A 155 -26.02 -14.21 -4.96
N GLY A 156 -25.15 -13.44 -5.61
CA GLY A 156 -24.75 -12.18 -5.03
C GLY A 156 -25.75 -11.06 -5.15
N ASP A 157 -26.90 -11.29 -5.80
CA ASP A 157 -27.87 -10.23 -6.01
C ASP A 157 -28.36 -9.63 -4.69
N ILE A 158 -28.70 -8.35 -4.73
CA ILE A 158 -29.26 -7.67 -3.57
C ILE A 158 -30.75 -7.96 -3.49
N ASP A 159 -31.22 -8.33 -2.32
CA ASP A 159 -32.65 -8.50 -2.08
C ASP A 159 -33.34 -7.14 -2.12
N LEU A 160 -34.08 -6.88 -3.21
CA LEU A 160 -34.73 -5.58 -3.38
C LEU A 160 -35.73 -5.30 -2.26
N LYS A 161 -36.27 -6.34 -1.62
CA LYS A 161 -37.24 -6.09 -0.57
C LYS A 161 -36.55 -5.70 0.73
N LYS A 162 -35.40 -6.30 1.03
CA LYS A 162 -34.62 -5.86 2.18
C LYS A 162 -34.18 -4.41 2.02
N LEU A 163 -33.75 -4.04 0.82
CA LEU A 163 -33.38 -2.66 0.55
C LEU A 163 -34.58 -1.72 0.72
N GLN A 164 -35.75 -2.14 0.26
CA GLN A 164 -36.92 -1.29 0.39
C GLN A 164 -37.33 -1.13 1.85
N LYS A 165 -37.29 -2.22 2.63
CA LYS A 165 -37.63 -2.13 4.04
C LYS A 165 -36.62 -1.28 4.81
N LEU A 166 -35.35 -1.31 4.40
CA LEU A 166 -34.37 -0.47 5.05
C LEU A 166 -34.65 1.01 4.81
N ILE A 167 -35.04 1.37 3.59
CA ILE A 167 -35.36 2.76 3.27
C ILE A 167 -36.57 3.22 4.06
N ASP A 168 -37.57 2.36 4.22
CA ASP A 168 -38.78 2.77 4.92
C ASP A 168 -38.54 2.86 6.43
N GLU A 169 -37.83 1.89 7.00
CA GLU A 169 -37.65 1.88 8.45
C GLU A 169 -36.68 2.95 8.91
N LYS A 170 -35.61 3.17 8.15
CA LYS A 170 -34.55 4.07 8.59
C LYS A 170 -34.60 5.45 7.92
N GLY A 171 -35.23 5.57 6.75
CA GLY A 171 -35.25 6.83 6.06
C GLY A 171 -34.10 6.95 5.07
N ALA A 172 -34.33 7.62 3.94
CA ALA A 172 -33.30 7.70 2.91
C ALA A 172 -32.12 8.55 3.36
N GLU A 173 -32.40 9.63 4.10
CA GLU A 173 -31.35 10.53 4.57
C GLU A 173 -30.39 9.85 5.54
N ASN A 174 -30.79 8.75 6.17
CA ASN A 174 -29.95 8.06 7.13
C ASN A 174 -29.15 6.92 6.52
N ILE A 175 -29.13 6.81 5.19
CA ILE A 175 -28.35 5.80 4.50
C ILE A 175 -27.24 6.51 3.74
N ALA A 176 -26.00 6.24 4.13
CA ALA A 176 -24.86 6.87 3.45
C ALA A 176 -24.82 6.48 1.98
N TYR A 177 -24.78 5.18 1.70
CA TYR A 177 -24.81 4.69 0.33
C TYR A 177 -25.10 3.19 0.35
N ILE A 178 -25.24 2.61 -0.84
CA ILE A 178 -25.37 1.17 -1.01
C ILE A 178 -24.04 0.66 -1.58
N CYS A 179 -23.48 -0.36 -0.95
CA CYS A 179 -22.18 -0.91 -1.35
C CYS A 179 -22.42 -2.23 -2.07
N LEU A 180 -22.41 -2.19 -3.40
CA LEU A 180 -22.64 -3.37 -4.22
C LEU A 180 -21.30 -3.95 -4.67
N ALA A 181 -21.02 -5.19 -4.25
CA ALA A 181 -19.77 -5.85 -4.60
C ALA A 181 -20.00 -6.83 -5.75
N VAL A 182 -19.08 -6.83 -6.73
CA VAL A 182 -19.07 -7.76 -7.85
C VAL A 182 -17.66 -8.30 -8.03
N THR A 183 -17.47 -9.60 -7.84
CA THR A 183 -18.46 -10.52 -7.31
C THR A 183 -18.48 -10.40 -5.80
N VAL A 184 -19.23 -11.27 -5.14
CA VAL A 184 -19.33 -11.29 -3.68
C VAL A 184 -18.34 -12.31 -3.15
N ASN A 185 -17.28 -11.84 -2.47
CA ASN A 185 -16.19 -12.72 -2.04
C ASN A 185 -16.66 -13.74 -1.00
N LEU A 186 -17.29 -13.28 0.08
CA LEU A 186 -17.60 -14.18 1.18
C LEU A 186 -18.74 -15.14 0.87
N ALA A 187 -19.51 -14.90 -0.19
CA ALA A 187 -20.53 -15.89 -0.57
C ALA A 187 -19.97 -17.00 -1.46
N GLY A 188 -18.67 -16.98 -1.73
CA GLY A 188 -18.06 -17.93 -2.61
C GLY A 188 -17.67 -17.39 -3.96
N GLY A 189 -17.59 -16.08 -4.13
CA GLY A 189 -17.28 -15.52 -5.44
C GLY A 189 -18.47 -15.52 -6.39
N GLN A 190 -19.67 -15.24 -5.87
CA GLN A 190 -20.92 -15.34 -6.60
C GLN A 190 -21.24 -14.03 -7.33
N PRO A 191 -21.71 -14.11 -8.56
CA PRO A 191 -21.93 -12.90 -9.36
C PRO A 191 -23.25 -12.23 -9.04
N VAL A 192 -23.35 -10.97 -9.49
CA VAL A 192 -24.54 -10.15 -9.42
C VAL A 192 -25.02 -9.92 -10.85
N SER A 193 -26.33 -10.02 -11.05
CA SER A 193 -26.91 -9.88 -12.38
C SER A 193 -27.07 -8.42 -12.77
N MET A 194 -27.02 -8.16 -14.08
CA MET A 194 -27.24 -6.80 -14.58
C MET A 194 -28.64 -6.31 -14.22
N ALA A 195 -29.63 -7.20 -14.29
CA ALA A 195 -30.98 -6.82 -13.93
C ALA A 195 -31.05 -6.36 -12.48
N ASN A 196 -30.30 -7.02 -11.60
CA ASN A 196 -30.29 -6.58 -10.21
C ASN A 196 -29.66 -5.19 -10.08
N MET A 197 -28.54 -4.95 -10.77
CA MET A 197 -27.91 -3.64 -10.75
C MET A 197 -28.83 -2.57 -11.33
N ARG A 198 -29.64 -2.91 -12.34
CA ARG A 198 -30.61 -1.94 -12.84
C ARG A 198 -31.62 -1.61 -11.75
N ALA A 199 -32.17 -2.65 -11.12
CA ALA A 199 -33.21 -2.45 -10.12
C ALA A 199 -32.69 -1.69 -8.91
N VAL A 200 -31.47 -2.00 -8.48
CA VAL A 200 -30.87 -1.26 -7.38
C VAL A 200 -30.70 0.20 -7.76
N ARG A 201 -30.24 0.46 -8.98
CA ARG A 201 -30.05 1.84 -9.41
C ARG A 201 -31.37 2.60 -9.42
N GLU A 202 -32.42 2.01 -9.97
CA GLU A 202 -33.72 2.67 -10.06
C GLU A 202 -34.29 2.99 -8.69
N LEU A 203 -34.20 2.02 -7.77
CA LEU A 203 -34.78 2.20 -6.44
C LEU A 203 -34.01 3.25 -5.64
N THR A 204 -32.68 3.22 -5.68
CA THR A 204 -31.90 4.17 -4.90
C THR A 204 -32.02 5.58 -5.47
N GLU A 205 -32.06 5.70 -6.80
CA GLU A 205 -32.15 7.02 -7.43
C GLU A 205 -33.46 7.71 -7.09
N ALA A 206 -34.55 6.96 -6.90
CA ALA A 206 -35.83 7.57 -6.54
C ALA A 206 -35.81 8.20 -5.14
N HIS A 207 -34.88 7.78 -4.29
CA HIS A 207 -34.73 8.35 -2.95
C HIS A 207 -33.45 9.15 -2.80
N GLY A 208 -32.70 9.35 -3.87
CA GLY A 208 -31.47 10.12 -3.81
C GLY A 208 -30.32 9.45 -3.07
N ILE A 209 -30.33 8.13 -3.00
CA ILE A 209 -29.28 7.41 -2.28
C ILE A 209 -28.17 7.08 -3.27
N LYS A 210 -26.93 7.25 -2.81
CA LYS A 210 -25.76 6.96 -3.62
C LYS A 210 -25.50 5.47 -3.66
N VAL A 211 -24.89 5.01 -4.75
CA VAL A 211 -24.52 3.62 -4.95
C VAL A 211 -23.07 3.57 -5.37
N PHE A 212 -22.25 2.85 -4.61
CA PHE A 212 -20.84 2.67 -4.95
C PHE A 212 -20.56 1.18 -5.07
N TYR A 213 -19.80 0.81 -6.09
CA TYR A 213 -19.47 -0.58 -6.38
C TYR A 213 -18.12 -0.96 -5.77
N ASP A 214 -18.01 -2.21 -5.36
CA ASP A 214 -16.73 -2.84 -5.04
C ASP A 214 -16.36 -3.67 -6.28
N ALA A 215 -15.56 -3.09 -7.16
CA ALA A 215 -15.33 -3.62 -8.49
C ALA A 215 -14.19 -4.63 -8.54
N THR A 216 -13.76 -5.14 -7.38
CA THR A 216 -12.54 -5.94 -7.28
C THR A 216 -12.48 -7.09 -8.28
N ARG A 217 -13.59 -7.82 -8.46
CA ARG A 217 -13.66 -8.94 -9.39
C ARG A 217 -14.77 -8.73 -10.42
N CYS A 218 -14.87 -7.50 -10.92
CA CYS A 218 -15.95 -7.14 -11.83
C CYS A 218 -15.86 -7.87 -13.16
N VAL A 219 -14.66 -8.23 -13.61
CA VAL A 219 -14.53 -8.92 -14.90
C VAL A 219 -15.04 -10.36 -14.79
N GLU A 220 -14.73 -11.05 -13.70
CA GLU A 220 -15.33 -12.36 -13.47
C GLU A 220 -16.86 -12.23 -13.40
N ASN A 221 -17.35 -11.16 -12.80
CA ASN A 221 -18.79 -10.94 -12.77
C ASN A 221 -19.33 -10.73 -14.17
N ALA A 222 -18.59 -10.02 -15.02
CA ALA A 222 -19.04 -9.79 -16.38
C ALA A 222 -19.10 -11.10 -17.17
N TYR A 223 -18.20 -12.03 -16.89
CA TYR A 223 -18.25 -13.30 -17.60
C TYR A 223 -19.52 -14.07 -17.26
N PHE A 224 -19.89 -14.15 -15.96
CA PHE A 224 -21.11 -14.84 -15.57
C PHE A 224 -22.35 -14.21 -16.19
N ILE A 225 -22.34 -12.90 -16.40
CA ILE A 225 -23.46 -12.26 -17.09
C ILE A 225 -23.52 -12.71 -18.55
N LYS A 226 -22.37 -12.75 -19.21
CA LYS A 226 -22.31 -13.19 -20.60
C LYS A 226 -22.69 -14.66 -20.76
N GLU A 227 -22.40 -15.48 -19.76
CA GLU A 227 -22.60 -16.92 -19.85
C GLU A 227 -24.03 -17.32 -19.47
N GLN A 228 -24.59 -16.68 -18.44
CA GLN A 228 -25.81 -17.18 -17.82
C GLN A 228 -26.99 -16.22 -17.82
N GLU A 229 -26.80 -14.94 -18.10
CA GLU A 229 -27.91 -14.01 -18.15
C GLU A 229 -28.40 -13.87 -19.58
N GLN A 230 -29.71 -14.04 -19.76
CA GLN A 230 -30.31 -14.03 -21.08
C GLN A 230 -30.30 -12.63 -21.67
N GLY A 231 -29.87 -12.53 -22.93
CA GLY A 231 -29.76 -11.24 -23.58
C GLY A 231 -28.35 -10.67 -23.62
N PHE A 232 -27.36 -11.37 -23.08
CA PHE A 232 -25.99 -10.88 -23.08
C PHE A 232 -25.01 -11.81 -23.78
N GLU A 233 -25.49 -12.89 -24.40
CA GLU A 233 -24.56 -13.86 -25.02
C GLU A 233 -23.79 -13.25 -26.19
N ASN A 234 -24.31 -12.19 -26.80
CA ASN A 234 -23.66 -11.54 -27.93
C ASN A 234 -22.86 -10.31 -27.54
N LYS A 235 -22.91 -9.90 -26.27
CA LYS A 235 -22.16 -8.74 -25.80
C LYS A 235 -20.72 -9.13 -25.50
N SER A 236 -19.79 -8.21 -25.80
CA SER A 236 -18.42 -8.44 -25.40
C SER A 236 -18.27 -8.20 -23.90
N ILE A 237 -17.15 -8.68 -23.36
CA ILE A 237 -16.88 -8.49 -21.93
C ILE A 237 -16.77 -7.00 -21.60
N ALA A 238 -16.11 -6.23 -22.48
CA ALA A 238 -15.94 -4.81 -22.23
C ALA A 238 -17.28 -4.06 -22.24
N GLU A 239 -18.15 -4.39 -23.19
CA GLU A 239 -19.48 -3.77 -23.23
C GLU A 239 -20.26 -4.07 -21.96
N ILE A 240 -20.11 -5.28 -21.42
CA ILE A 240 -20.84 -5.64 -20.20
C ILE A 240 -20.29 -4.88 -19.02
N VAL A 241 -18.96 -4.78 -18.92
CA VAL A 241 -18.36 -4.06 -17.81
C VAL A 241 -18.77 -2.60 -17.84
N HIS A 242 -18.76 -1.99 -19.03
CA HIS A 242 -19.11 -0.59 -19.14
C HIS A 242 -20.56 -0.36 -18.72
N GLU A 243 -21.46 -1.29 -19.05
CA GLU A 243 -22.85 -1.13 -18.68
C GLU A 243 -23.05 -1.35 -17.18
N MET A 244 -22.29 -2.29 -16.59
CA MET A 244 -22.37 -2.53 -15.16
C MET A 244 -22.14 -1.23 -14.39
N PHE A 245 -21.10 -0.48 -14.76
CA PHE A 245 -20.74 0.73 -14.02
C PHE A 245 -21.61 1.93 -14.36
N SER A 246 -22.41 1.87 -15.42
CA SER A 246 -23.35 2.96 -15.69
C SER A 246 -24.46 3.03 -14.63
N TYR A 247 -24.60 2.01 -13.79
CA TYR A 247 -25.59 2.01 -12.73
C TYR A 247 -24.99 2.37 -11.38
N ALA A 248 -23.76 2.89 -11.36
CA ALA A 248 -23.11 3.28 -10.12
C ALA A 248 -22.67 4.74 -10.17
N ASP A 249 -22.51 5.32 -8.99
CA ASP A 249 -22.00 6.68 -8.84
C ASP A 249 -20.49 6.71 -8.64
N GLY A 250 -19.88 5.58 -8.35
CA GLY A 250 -18.44 5.50 -8.15
C GLY A 250 -18.07 4.07 -7.87
N CYS A 251 -16.78 3.86 -7.59
CA CYS A 251 -16.31 2.52 -7.27
C CYS A 251 -14.98 2.60 -6.54
N THR A 252 -14.74 1.59 -5.71
CA THR A 252 -13.43 1.25 -5.19
C THR A 252 -12.96 0.00 -5.91
N MET A 253 -11.70 -0.02 -6.29
CA MET A 253 -11.13 -1.10 -7.08
C MET A 253 -9.82 -1.58 -6.49
N SER A 254 -9.66 -2.89 -6.42
CA SER A 254 -8.37 -3.49 -6.12
C SER A 254 -7.84 -4.07 -7.43
N GLY A 255 -6.89 -3.38 -8.06
CA GLY A 255 -6.29 -3.90 -9.27
C GLY A 255 -5.61 -5.24 -9.05
N LYS A 256 -5.20 -5.52 -7.80
CA LYS A 256 -4.54 -6.75 -7.43
C LYS A 256 -5.37 -8.00 -7.76
N LYS A 257 -6.65 -7.82 -8.12
CA LYS A 257 -7.47 -8.93 -8.56
C LYS A 257 -7.60 -8.83 -10.06
N ASP A 258 -8.71 -8.37 -10.60
CA ASP A 258 -9.00 -8.50 -12.01
C ASP A 258 -8.18 -7.56 -12.92
N CYS A 259 -7.27 -6.74 -12.39
CA CYS A 259 -6.41 -5.98 -13.29
C CYS A 259 -5.10 -6.70 -13.58
N LEU A 260 -4.93 -7.92 -13.06
CA LEU A 260 -3.82 -8.80 -13.40
C LEU A 260 -2.46 -8.21 -13.01
N VAL A 261 -2.39 -7.62 -11.82
CA VAL A 261 -1.16 -7.04 -11.29
C VAL A 261 -0.93 -7.53 -9.87
N ASN A 262 0.23 -7.17 -9.33
CA ASN A 262 0.68 -7.61 -8.02
C ASN A 262 0.56 -6.52 -6.96
N ILE A 263 0.18 -5.31 -7.37
CA ILE A 263 -0.04 -4.19 -6.46
C ILE A 263 -0.86 -3.17 -7.24
N GLY A 264 -1.65 -2.38 -6.54
CA GLY A 264 -2.39 -1.32 -7.21
C GLY A 264 -3.89 -1.34 -6.98
N GLY A 265 -4.48 -0.16 -7.03
CA GLY A 265 -5.93 0.02 -6.93
C GLY A 265 -6.27 1.44 -7.29
N PHE A 266 -7.56 1.75 -7.22
CA PHE A 266 -7.99 3.12 -7.49
C PHE A 266 -9.42 3.34 -7.01
N LEU A 267 -9.81 4.62 -7.04
CA LEU A 267 -11.12 5.09 -6.61
C LEU A 267 -11.69 5.92 -7.75
N CYS A 268 -12.91 5.59 -8.17
CA CYS A 268 -13.59 6.27 -9.26
C CYS A 268 -14.85 6.93 -8.74
N MET A 269 -15.23 8.02 -9.38
CA MET A 269 -16.40 8.79 -8.96
C MET A 269 -16.75 9.76 -10.08
N ASN A 270 -18.04 10.08 -10.17
CA ASN A 270 -18.52 11.05 -11.15
C ASN A 270 -18.72 12.45 -10.59
N ASP A 271 -18.89 12.58 -9.27
CA ASP A 271 -19.18 13.86 -8.65
C ASP A 271 -17.91 14.71 -8.52
N ASP A 272 -18.00 15.99 -8.92
CA ASP A 272 -16.84 16.85 -8.90
C ASP A 272 -16.46 17.28 -7.48
N GLU A 273 -17.44 17.58 -6.63
CA GLU A 273 -17.14 17.96 -5.26
C GLU A 273 -16.50 16.81 -4.50
N MET A 274 -17.03 15.59 -4.70
CA MET A 274 -16.44 14.42 -4.05
C MET A 274 -15.03 14.17 -4.56
N PHE A 275 -14.78 14.45 -5.84
CA PHE A 275 -13.42 14.32 -6.38
C PHE A 275 -12.49 15.38 -5.82
N SER A 276 -13.00 16.61 -5.64
CA SER A 276 -12.18 17.65 -5.03
CA SER A 276 -12.18 17.65 -5.03
C SER A 276 -11.74 17.26 -3.63
N SER A 277 -12.66 16.69 -2.84
CA SER A 277 -12.31 16.27 -1.49
C SER A 277 -11.47 15.00 -1.49
N ALA A 278 -11.59 14.17 -2.53
CA ALA A 278 -10.77 12.97 -2.58
C ALA A 278 -9.30 13.30 -2.78
N LYS A 279 -9.00 14.32 -3.59
CA LYS A 279 -7.62 14.73 -3.81
C LYS A 279 -7.01 15.32 -2.54
N GLU A 280 -7.81 15.95 -1.70
CA GLU A 280 -7.28 16.46 -0.44
C GLU A 280 -6.90 15.32 0.50
N LEU A 281 -7.63 14.21 0.45
CA LEU A 281 -7.42 13.14 1.42
C LEU A 281 -6.39 12.13 0.98
N VAL A 282 -6.27 11.89 -0.33
CA VAL A 282 -5.33 10.89 -0.82
C VAL A 282 -3.89 11.33 -0.51
N VAL A 283 -3.64 12.64 -0.44
CA VAL A 283 -2.30 13.12 -0.14
C VAL A 283 -1.89 12.74 1.28
N VAL A 284 -2.87 12.65 2.19
CA VAL A 284 -2.59 12.34 3.58
C VAL A 284 -2.18 10.87 3.74
N TYR A 285 -2.87 9.96 3.03
CA TYR A 285 -2.72 8.54 3.28
C TYR A 285 -1.95 7.80 2.21
N GLU A 286 -2.05 8.22 0.95
CA GLU A 286 -1.45 7.48 -0.15
C GLU A 286 -0.33 8.26 -0.84
N GLY A 287 -0.58 9.50 -1.20
CA GLY A 287 0.38 10.30 -1.94
C GLY A 287 -0.37 11.25 -2.85
N MET A 288 0.37 11.94 -3.70
CA MET A 288 -0.24 12.89 -4.61
C MET A 288 -1.27 12.21 -5.50
N PRO A 289 -2.28 12.95 -5.96
CA PRO A 289 -3.30 12.35 -6.83
C PRO A 289 -2.74 11.88 -8.17
N SER A 290 -1.50 12.21 -8.49
CA SER A 290 -0.86 11.85 -9.75
C SER A 290 -0.14 10.51 -9.71
N TYR A 291 -0.08 9.85 -8.55
CA TYR A 291 0.51 8.51 -8.48
C TYR A 291 -0.16 7.67 -7.39
N GLY A 292 -0.67 8.32 -6.36
CA GLY A 292 -1.49 7.69 -5.34
C GLY A 292 -0.82 6.54 -4.61
N GLY A 293 0.45 6.69 -4.25
CA GLY A 293 1.14 5.62 -3.57
C GLY A 293 1.58 4.47 -4.45
N LEU A 294 1.69 4.68 -5.77
CA LEU A 294 2.17 3.67 -6.72
C LEU A 294 3.36 4.21 -7.50
N ALA A 295 4.33 3.34 -7.79
CA ALA A 295 5.34 3.69 -8.77
C ALA A 295 4.69 3.82 -10.12
N GLY A 296 5.32 4.61 -11.00
CA GLY A 296 4.78 4.79 -12.34
C GLY A 296 4.66 3.48 -13.11
N ARG A 297 5.68 2.61 -13.00
CA ARG A 297 5.63 1.32 -13.69
C ARG A 297 4.42 0.50 -13.25
N ASP A 298 3.96 0.68 -12.01
CA ASP A 298 2.80 -0.06 -11.52
C ASP A 298 1.49 0.50 -12.07
N MET A 299 1.40 1.83 -12.23
CA MET A 299 0.24 2.37 -12.92
C MET A 299 0.19 1.90 -14.35
N GLU A 300 1.35 1.74 -14.98
CA GLU A 300 1.39 1.28 -16.36
C GLU A 300 0.95 -0.16 -16.48
N ALA A 301 1.40 -1.01 -15.55
CA ALA A 301 1.03 -2.43 -15.60
C ALA A 301 -0.46 -2.62 -15.38
N MET A 302 -1.04 -1.82 -14.48
CA MET A 302 -2.45 -1.91 -14.18
C MET A 302 -3.30 -1.42 -15.35
N ALA A 303 -2.83 -0.38 -16.06
CA ALA A 303 -3.57 0.11 -17.22
C ALA A 303 -3.61 -0.93 -18.32
N ILE A 304 -2.50 -1.64 -18.51
CA ILE A 304 -2.41 -2.70 -19.52
C ILE A 304 -3.17 -3.95 -19.05
N GLY A 305 -3.02 -4.30 -17.78
CA GLY A 305 -3.68 -5.49 -17.29
C GLY A 305 -5.19 -5.39 -17.33
N LEU A 306 -5.74 -4.21 -17.04
CA LEU A 306 -7.17 -4.05 -17.10
C LEU A 306 -7.70 -4.27 -18.51
N ARG A 307 -6.93 -3.86 -19.52
CA ARG A 307 -7.37 -4.06 -20.90
C ARG A 307 -7.26 -5.53 -21.32
N GLU A 308 -6.22 -6.23 -20.85
CA GLU A 308 -6.07 -7.66 -21.13
C GLU A 308 -7.14 -8.49 -20.47
N ALA A 309 -7.66 -8.04 -19.32
CA ALA A 309 -8.73 -8.76 -18.65
C ALA A 309 -10.01 -8.80 -19.47
N MET A 310 -10.18 -7.88 -20.42
CA MET A 310 -11.39 -7.83 -21.24
CA MET A 310 -11.38 -7.81 -21.25
C MET A 310 -11.39 -8.87 -22.35
N GLN A 311 -10.27 -9.58 -22.57
CA GLN A 311 -10.24 -10.62 -23.60
C GLN A 311 -11.13 -11.77 -23.16
N TYR A 312 -12.08 -12.17 -24.02
CA TYR A 312 -13.05 -13.17 -23.61
C TYR A 312 -12.37 -14.50 -23.29
N GLU A 313 -11.38 -14.90 -24.09
CA GLU A 313 -10.76 -16.19 -23.90
C GLU A 313 -10.02 -16.24 -22.58
N TYR A 314 -9.38 -15.14 -22.18
CA TYR A 314 -8.70 -15.13 -20.91
C TYR A 314 -9.68 -15.36 -19.75
N ILE A 315 -10.77 -14.59 -19.72
CA ILE A 315 -11.66 -14.68 -18.55
C ILE A 315 -12.44 -15.99 -18.55
N GLU A 316 -12.73 -16.53 -19.73
CA GLU A 316 -13.41 -17.83 -19.84
C GLU A 316 -12.54 -18.94 -19.24
N HIS A 317 -11.26 -18.97 -19.60
CA HIS A 317 -10.35 -19.94 -19.06
C HIS A 317 -10.13 -19.74 -17.57
N ARG A 318 -9.99 -18.49 -17.14
CA ARG A 318 -9.87 -18.16 -15.73
C ARG A 318 -10.99 -18.81 -14.92
N VAL A 319 -12.23 -18.54 -15.30
CA VAL A 319 -13.37 -19.06 -14.55
C VAL A 319 -13.49 -20.57 -14.69
N LYS A 320 -13.28 -21.10 -15.90
CA LYS A 320 -13.47 -22.53 -16.11
C LYS A 320 -12.35 -23.36 -15.49
N GLN A 321 -11.16 -22.79 -15.30
CA GLN A 321 -10.13 -23.50 -14.55
C GLN A 321 -10.54 -23.68 -13.10
N VAL A 322 -11.07 -22.62 -12.48
CA VAL A 322 -11.62 -22.75 -11.13
C VAL A 322 -12.74 -23.78 -11.12
N ARG A 323 -13.61 -23.74 -12.15
CA ARG A 323 -14.73 -24.68 -12.22
C ARG A 323 -14.26 -26.12 -12.37
N TYR A 324 -13.17 -26.34 -13.10
CA TYR A 324 -12.62 -27.68 -13.24
C TYR A 324 -12.21 -28.25 -11.89
N LEU A 325 -11.62 -27.41 -11.03
CA LEU A 325 -11.26 -27.88 -9.70
C LEU A 325 -12.50 -28.25 -8.89
N GLY A 326 -13.55 -27.43 -8.97
CA GLY A 326 -14.77 -27.73 -8.24
C GLY A 326 -15.48 -28.96 -8.75
N ASP A 327 -15.56 -29.12 -10.08
CA ASP A 327 -16.24 -30.28 -10.63
C ASP A 327 -15.52 -31.57 -10.26
N LYS A 328 -14.20 -31.53 -10.19
CA LYS A 328 -13.45 -32.73 -9.83
C LYS A 328 -13.64 -33.08 -8.37
N LEU A 329 -13.68 -32.07 -7.48
CA LEU A 329 -13.94 -32.33 -6.07
C LEU A 329 -15.38 -32.81 -5.85
N LYS A 330 -16.35 -32.17 -6.51
CA LYS A 330 -17.75 -32.56 -6.38
C LYS A 330 -18.01 -33.95 -6.94
N ALA A 331 -17.29 -34.34 -8.00
CA ALA A 331 -17.48 -35.67 -8.58
C ALA A 331 -17.00 -36.78 -7.65
N ALA A 332 -16.18 -36.44 -6.66
CA ALA A 332 -15.69 -37.40 -5.69
C ALA A 332 -16.48 -37.38 -4.38
N GLY A 333 -17.46 -36.49 -4.27
CA GLY A 333 -18.23 -36.37 -3.05
C GLY A 333 -17.73 -35.35 -2.04
N VAL A 334 -16.70 -34.58 -2.39
CA VAL A 334 -16.15 -33.57 -1.49
C VAL A 334 -17.15 -32.41 -1.40
N PRO A 335 -17.60 -32.04 -0.19
CA PRO A 335 -18.61 -30.97 -0.08
C PRO A 335 -17.99 -29.60 -0.30
N ILE A 336 -18.60 -28.82 -1.19
CA ILE A 336 -18.10 -27.50 -1.56
C ILE A 336 -19.26 -26.52 -1.59
N VAL A 337 -18.92 -25.24 -1.65
CA VAL A 337 -19.91 -24.20 -1.87
C VAL A 337 -20.34 -24.21 -3.33
N GLU A 338 -21.64 -24.12 -3.57
CA GLU A 338 -22.14 -24.13 -4.94
C GLU A 338 -23.02 -22.90 -5.18
N PRO A 339 -23.01 -22.36 -6.41
CA PRO A 339 -22.13 -22.79 -7.49
C PRO A 339 -20.71 -22.26 -7.26
N VAL A 340 -19.70 -22.84 -7.92
CA VAL A 340 -18.34 -22.37 -7.73
C VAL A 340 -18.23 -20.96 -8.29
N GLY A 341 -17.50 -20.10 -7.57
CA GLY A 341 -17.33 -18.72 -7.95
C GLY A 341 -16.29 -18.53 -9.02
N GLY A 342 -16.00 -17.25 -9.30
CA GLY A 342 -15.09 -16.96 -10.38
C GLY A 342 -13.62 -17.06 -10.02
N HIS A 343 -13.27 -17.04 -8.74
CA HIS A 343 -11.88 -16.94 -8.32
C HIS A 343 -11.39 -18.02 -7.37
N ALA A 344 -12.28 -18.86 -6.84
CA ALA A 344 -11.91 -19.81 -5.79
C ALA A 344 -12.97 -20.89 -5.62
N VAL A 345 -12.53 -22.02 -5.09
CA VAL A 345 -13.41 -23.09 -4.61
C VAL A 345 -13.37 -23.06 -3.09
N PHE A 346 -14.53 -23.11 -2.47
CA PHE A 346 -14.67 -23.06 -1.02
C PHE A 346 -15.07 -24.44 -0.53
N LEU A 347 -14.22 -25.06 0.28
CA LEU A 347 -14.60 -26.33 0.90
C LEU A 347 -15.47 -26.04 2.12
N ASP A 348 -16.65 -26.68 2.18
CA ASP A 348 -17.54 -26.53 3.32
C ASP A 348 -16.95 -27.31 4.50
N ALA A 349 -16.39 -26.59 5.48
N ALA A 349 -16.39 -26.59 5.47
CA ALA A 349 -15.77 -27.25 6.62
CA ALA A 349 -15.77 -27.24 6.62
C ALA A 349 -16.79 -27.91 7.53
C ALA A 349 -16.79 -27.90 7.54
N ARG A 350 -18.04 -27.43 7.53
CA ARG A 350 -19.05 -28.07 8.37
C ARG A 350 -19.33 -29.49 7.88
N ARG A 351 -19.54 -29.67 6.58
N ARG A 351 -19.53 -29.67 6.57
CA ARG A 351 -19.75 -31.01 6.04
CA ARG A 351 -19.70 -31.02 6.04
C ARG A 351 -18.46 -31.81 5.96
C ARG A 351 -18.39 -31.79 6.00
N PHE A 352 -17.31 -31.15 5.82
N PHE A 352 -17.26 -31.09 5.85
CA PHE A 352 -16.04 -31.87 5.81
CA PHE A 352 -15.96 -31.75 5.89
C PHE A 352 -15.67 -32.34 7.22
C PHE A 352 -15.52 -32.08 7.32
N CYS A 353 -15.99 -31.55 8.24
N CYS A 353 -16.12 -31.48 8.33
CA CYS A 353 -15.65 -31.86 9.63
CA CYS A 353 -15.79 -31.76 9.72
C CYS A 353 -16.95 -31.91 10.43
C CYS A 353 -17.08 -31.77 10.53
N GLU A 354 -17.71 -32.98 10.23
N GLU A 354 -18.00 -32.67 10.16
CA GLU A 354 -18.97 -33.14 10.94
CA GLU A 354 -19.29 -32.74 10.82
C GLU A 354 -18.76 -33.27 12.44
C GLU A 354 -19.16 -33.29 12.22
N HIS A 355 -17.64 -33.87 12.85
N HIS A 355 -18.27 -34.27 12.42
CA HIS A 355 -17.36 -34.06 14.28
CA HIS A 355 -18.09 -34.85 13.74
C HIS A 355 -16.99 -32.75 14.97
C HIS A 355 -17.39 -33.88 14.70
N LEU A 356 -16.41 -31.80 14.26
N LEU A 356 -16.54 -33.00 14.18
CA LEU A 356 -16.04 -30.53 14.86
CA LEU A 356 -15.90 -31.99 15.01
C LEU A 356 -17.26 -29.60 14.96
C LEU A 356 -16.83 -30.81 15.22
N THR A 357 -17.19 -28.67 15.90
N THR A 357 -16.81 -30.25 16.43
CA THR A 357 -18.18 -27.63 16.07
CA THR A 357 -17.72 -29.16 16.76
C THR A 357 -17.59 -26.27 15.67
C THR A 357 -17.28 -27.86 16.09
N GLN A 358 -18.47 -25.30 15.44
N GLN A 358 -18.24 -26.94 15.98
CA GLN A 358 -18.03 -23.98 14.99
CA GLN A 358 -17.98 -25.68 15.26
C GLN A 358 -17.17 -23.29 16.04
C GLN A 358 -17.10 -24.74 16.07
N ASP A 359 -17.38 -23.58 17.32
N ASP A 359 -17.20 -24.80 17.41
CA ASP A 359 -16.53 -23.04 18.38
CA ASP A 359 -16.41 -23.92 18.27
C ASP A 359 -15.16 -23.71 18.42
C ASP A 359 -14.95 -24.33 18.36
N GLU A 360 -15.05 -24.92 17.85
N GLU A 360 -14.59 -25.52 17.86
CA GLU A 360 -13.77 -25.63 17.76
CA GLU A 360 -13.19 -25.90 17.72
C GLU A 360 -12.98 -25.24 16.52
C GLU A 360 -12.53 -25.34 16.46
N PHE A 361 -13.51 -24.33 15.69
N PHE A 361 -13.24 -24.48 15.73
CA PHE A 361 -12.83 -23.75 14.53
CA PHE A 361 -12.74 -23.83 14.51
C PHE A 361 -12.36 -24.84 13.56
C PHE A 361 -12.28 -24.88 13.51
N PRO A 362 -13.28 -25.50 12.85
N PRO A 362 -13.20 -25.64 12.90
CA PRO A 362 -12.88 -26.60 11.96
CA PRO A 362 -12.78 -26.72 12.01
C PRO A 362 -12.28 -26.12 10.65
C PRO A 362 -12.25 -26.23 10.68
N ALA A 363 -12.70 -24.95 10.17
N ALA A 363 -12.66 -25.05 10.22
CA ALA A 363 -12.13 -24.41 8.94
CA ALA A 363 -12.08 -24.49 9.00
C ALA A 363 -10.65 -24.13 9.11
C ALA A 363 -10.60 -24.18 9.18
N GLN A 364 -10.27 -23.45 10.20
N GLN A 364 -10.23 -23.66 10.35
CA GLN A 364 -8.85 -23.21 10.45
CA GLN A 364 -8.82 -23.43 10.63
C GLN A 364 -8.09 -24.52 10.61
C GLN A 364 -8.05 -24.75 10.69
N SER A 365 -8.76 -25.56 11.10
N SER A 365 -8.65 -25.81 11.21
CA SER A 365 -8.07 -26.83 11.28
CA SER A 365 -7.97 -27.10 11.26
C SER A 365 -8.03 -27.65 10.00
C SER A 365 -7.92 -27.78 9.91
N LEU A 366 -9.05 -27.52 9.14
N LEU A 366 -8.96 -27.61 9.08
CA LEU A 366 -9.02 -28.20 7.85
CA LEU A 366 -8.97 -28.21 7.75
C LEU A 366 -7.94 -27.63 6.95
C LEU A 366 -7.89 -27.61 6.86
N ALA A 367 -7.69 -26.31 7.04
N ALA A 367 -7.69 -26.29 6.95
CA ALA A 367 -6.66 -25.69 6.22
CA ALA A 367 -6.66 -25.64 6.14
C ALA A 367 -5.28 -26.20 6.60
C ALA A 367 -5.28 -26.13 6.53
N ALA A 368 -5.03 -26.34 7.91
N ALA A 368 -5.05 -26.32 7.84
CA ALA A 368 -3.76 -26.87 8.38
CA ALA A 368 -3.77 -26.85 8.30
C ALA A 368 -3.52 -28.28 7.85
C ALA A 368 -3.54 -28.26 7.78
N SER A 369 -4.56 -29.13 7.88
CA SER A 369 -4.39 -30.51 7.43
C SER A 369 -4.13 -30.59 5.93
N ILE A 370 -4.70 -29.68 5.14
CA ILE A 370 -4.51 -29.71 3.69
C ILE A 370 -3.04 -29.45 3.34
N TYR A 371 -2.39 -28.52 4.05
CA TYR A 371 -0.98 -28.29 3.76
C TYR A 371 -0.12 -29.47 4.19
N VAL A 372 -0.42 -30.05 5.36
CA VAL A 372 0.39 -31.16 5.87
C VAL A 372 0.34 -32.34 4.90
N GLU A 373 -0.83 -32.60 4.31
CA GLU A 373 -1.03 -33.75 3.45
C GLU A 373 -0.66 -33.49 2.00
N THR A 374 -0.76 -32.25 1.53
CA THR A 374 -0.57 -31.94 0.12
C THR A 374 0.47 -30.87 -0.16
N GLY A 375 0.85 -30.04 0.82
CA GLY A 375 1.72 -28.91 0.52
C GLY A 375 1.03 -27.74 -0.15
N VAL A 376 -0.31 -27.68 -0.08
CA VAL A 376 -1.11 -26.60 -0.62
C VAL A 376 -1.52 -25.69 0.53
N ARG A 377 -1.37 -24.38 0.34
CA ARG A 377 -1.86 -23.42 1.33
C ARG A 377 -3.22 -22.91 0.92
N SER A 378 -4.17 -22.93 1.86
CA SER A 378 -5.51 -22.41 1.67
C SER A 378 -5.82 -21.44 2.82
N MET A 379 -6.93 -20.72 2.70
CA MET A 379 -7.29 -19.71 3.69
C MET A 379 -8.55 -20.10 4.46
N GLU A 380 -8.54 -19.90 5.77
CA GLU A 380 -9.74 -20.03 6.57
C GLU A 380 -10.71 -18.88 6.26
N ARG A 381 -11.97 -19.22 5.98
CA ARG A 381 -13.03 -18.24 5.70
C ARG A 381 -14.27 -18.65 6.50
N GLY A 382 -14.19 -18.51 7.81
CA GLY A 382 -15.29 -18.91 8.63
C GLY A 382 -15.50 -17.98 9.80
N ILE A 383 -15.75 -18.55 10.97
CA ILE A 383 -16.09 -17.76 12.15
C ILE A 383 -14.90 -16.91 12.59
N ILE A 384 -13.67 -17.35 12.32
CA ILE A 384 -12.49 -16.58 12.70
C ILE A 384 -12.37 -15.33 11.85
N SER A 385 -12.56 -15.45 10.54
CA SER A 385 -12.55 -14.28 9.67
C SER A 385 -13.74 -13.36 9.91
N ALA A 386 -14.85 -13.88 10.45
CA ALA A 386 -16.04 -13.07 10.67
C ALA A 386 -15.83 -12.02 11.76
N GLY A 387 -14.92 -12.27 12.70
CA GLY A 387 -14.64 -11.33 13.76
C GLY A 387 -15.62 -11.45 14.91
N ARG A 388 -15.52 -10.49 15.82
CA ARG A 388 -16.38 -10.44 17.00
C ARG A 388 -17.33 -9.26 16.89
N ASN A 389 -18.49 -9.40 17.53
CA ASN A 389 -19.45 -8.31 17.59
C ASN A 389 -18.90 -7.18 18.46
N ASN A 390 -19.09 -5.94 17.99
CA ASN A 390 -18.49 -4.80 18.66
C ASN A 390 -19.08 -4.57 20.04
N VAL A 391 -20.41 -4.66 20.17
CA VAL A 391 -21.08 -4.34 21.44
C VAL A 391 -21.12 -5.53 22.39
N THR A 392 -21.42 -6.73 21.89
CA THR A 392 -21.56 -7.89 22.76
C THR A 392 -20.20 -8.50 23.10
N GLY A 393 -19.28 -8.55 22.14
CA GLY A 393 -18.00 -9.18 22.31
C GLY A 393 -17.96 -10.66 21.97
N GLU A 394 -19.07 -11.22 21.49
CA GLU A 394 -19.18 -12.62 21.12
C GLU A 394 -18.75 -12.82 19.67
N HIS A 395 -18.52 -14.08 19.31
CA HIS A 395 -18.18 -14.42 17.93
C HIS A 395 -19.32 -14.05 16.98
N HIS A 396 -18.99 -13.40 15.88
CA HIS A 396 -19.90 -13.37 14.75
C HIS A 396 -19.97 -14.78 14.18
N ARG A 397 -21.18 -15.35 14.09
CA ARG A 397 -21.33 -16.73 13.65
C ARG A 397 -21.96 -16.78 12.27
N PRO A 398 -21.18 -16.84 11.21
CA PRO A 398 -21.78 -16.98 9.87
C PRO A 398 -22.13 -18.43 9.59
N LYS A 399 -23.18 -18.60 8.77
CA LYS A 399 -23.53 -19.94 8.30
C LYS A 399 -22.41 -20.55 7.48
N LEU A 400 -21.58 -19.73 6.82
CA LEU A 400 -20.51 -20.22 5.98
C LEU A 400 -19.23 -20.38 6.80
N GLU A 401 -18.84 -21.63 7.03
CA GLU A 401 -17.57 -22.00 7.66
C GLU A 401 -16.78 -22.77 6.60
N THR A 402 -15.93 -22.07 5.86
CA THR A 402 -15.34 -22.64 4.66
C THR A 402 -13.83 -22.52 4.67
N VAL A 403 -13.19 -23.30 3.81
CA VAL A 403 -11.76 -23.20 3.54
C VAL A 403 -11.61 -22.82 2.07
N ARG A 404 -10.95 -21.70 1.80
CA ARG A 404 -10.91 -21.14 0.46
C ARG A 404 -9.65 -21.57 -0.27
N LEU A 405 -9.83 -22.27 -1.40
CA LEU A 405 -8.76 -22.58 -2.35
C LEU A 405 -8.81 -21.53 -3.46
N THR A 406 -7.97 -20.49 -3.33
CA THR A 406 -8.01 -19.30 -4.17
C THR A 406 -7.01 -19.39 -5.30
N ILE A 407 -7.46 -19.14 -6.53
CA ILE A 407 -6.65 -19.41 -7.71
C ILE A 407 -6.05 -18.09 -8.21
N PRO A 408 -4.74 -17.90 -8.15
CA PRO A 408 -4.13 -16.76 -8.82
C PRO A 408 -4.32 -16.87 -10.33
N ARG A 409 -4.39 -15.72 -10.99
CA ARG A 409 -4.67 -15.67 -12.42
C ARG A 409 -3.40 -15.96 -13.21
N ARG A 410 -3.48 -16.93 -14.11
CA ARG A 410 -2.43 -17.25 -15.08
C ARG A 410 -1.17 -17.81 -14.44
N VAL A 411 -1.31 -18.47 -13.29
CA VAL A 411 -0.16 -18.97 -12.53
C VAL A 411 -0.08 -20.50 -12.59
N TYR A 412 -1.22 -21.18 -12.50
CA TYR A 412 -1.23 -22.63 -12.42
C TYR A 412 -1.98 -23.21 -13.61
N THR A 413 -1.80 -24.52 -13.79
CA THR A 413 -2.35 -25.30 -14.90
C THR A 413 -3.36 -26.31 -14.38
N TYR A 414 -4.03 -27.00 -15.32
CA TYR A 414 -4.96 -28.06 -14.94
C TYR A 414 -4.26 -29.20 -14.19
N ALA A 415 -3.02 -29.51 -14.55
CA ALA A 415 -2.29 -30.54 -13.83
C ALA A 415 -2.07 -30.14 -12.36
N HIS A 416 -1.87 -28.85 -12.11
CA HIS A 416 -1.80 -28.38 -10.73
C HIS A 416 -3.14 -28.51 -10.01
N MET A 417 -4.24 -28.23 -10.71
CA MET A 417 -5.56 -28.42 -10.11
C MET A 417 -5.82 -29.89 -9.76
N ASP A 418 -5.31 -30.82 -10.58
CA ASP A 418 -5.44 -32.23 -10.28
C ASP A 418 -4.67 -32.60 -9.02
N VAL A 419 -3.47 -32.03 -8.84
CA VAL A 419 -2.70 -32.27 -7.62
C VAL A 419 -3.47 -31.80 -6.40
N VAL A 420 -4.07 -30.62 -6.49
CA VAL A 420 -4.87 -30.11 -5.38
C VAL A 420 -6.07 -31.01 -5.13
N ALA A 421 -6.77 -31.39 -6.21
CA ALA A 421 -7.99 -32.17 -6.07
C ALA A 421 -7.67 -33.57 -5.55
N ASP A 422 -6.65 -34.22 -6.12
CA ASP A 422 -6.31 -35.58 -5.69
CA ASP A 422 -6.31 -35.58 -5.69
C ASP A 422 -5.90 -35.61 -4.22
N GLY A 423 -5.20 -34.57 -3.76
CA GLY A 423 -4.78 -34.55 -2.37
C GLY A 423 -5.94 -34.33 -1.42
N ILE A 424 -6.86 -33.42 -1.77
CA ILE A 424 -8.02 -33.16 -0.92
C ILE A 424 -8.94 -34.37 -0.87
N ILE A 425 -9.12 -35.03 -2.00
CA ILE A 425 -9.96 -36.23 -2.05
C ILE A 425 -9.40 -37.33 -1.17
N LYS A 426 -8.07 -37.49 -1.14
CA LYS A 426 -7.47 -38.48 -0.26
C LYS A 426 -7.63 -38.07 1.20
N LEU A 427 -7.52 -36.77 1.51
CA LEU A 427 -7.77 -36.32 2.87
C LEU A 427 -9.23 -36.53 3.27
N TYR A 428 -10.15 -36.48 2.30
N TYR A 428 -10.15 -36.46 2.29
CA TYR A 428 -11.57 -36.62 2.61
CA TYR A 428 -11.56 -36.70 2.58
C TYR A 428 -11.90 -38.03 3.13
C TYR A 428 -11.84 -38.17 2.86
N GLN A 429 -11.09 -39.04 2.81
N GLN A 429 -10.99 -39.09 2.37
CA GLN A 429 -11.40 -40.39 3.23
CA GLN A 429 -11.21 -40.52 2.63
C GLN A 429 -11.27 -40.58 4.74
C GLN A 429 -11.03 -40.84 4.11
N HIS A 430 -10.37 -39.83 5.39
N HIS A 430 -10.00 -40.26 4.75
CA HIS A 430 -10.17 -39.91 6.83
CA HIS A 430 -9.82 -40.36 6.19
C HIS A 430 -10.31 -38.53 7.46
C HIS A 430 -10.17 -39.05 6.86
N LYS A 431 -11.41 -37.85 7.15
N LYS A 431 -11.21 -38.38 6.34
CA LYS A 431 -11.65 -36.50 7.64
CA LYS A 431 -11.66 -37.11 6.89
C LYS A 431 -11.85 -36.43 9.15
C LYS A 431 -11.94 -37.21 8.38
N GLU A 432 -11.92 -37.58 9.84
N GLU A 432 -12.56 -38.31 8.80
CA GLU A 432 -12.16 -37.59 11.27
CA GLU A 432 -12.85 -38.52 10.22
C GLU A 432 -10.93 -37.21 12.08
C GLU A 432 -11.56 -38.72 11.03
N ASP A 433 -9.73 -37.30 11.50
N ASP A 433 -10.48 -39.13 10.37
CA ASP A 433 -8.47 -37.09 12.21
CA ASP A 433 -9.23 -39.37 11.10
C ASP A 433 -8.17 -35.61 12.49
C ASP A 433 -8.53 -38.07 11.47
N ILE A 434 -9.02 -34.69 12.04
N ILE A 434 -8.55 -37.08 10.57
CA ILE A 434 -8.77 -33.27 12.21
CA ILE A 434 -7.98 -35.78 10.91
C ILE A 434 -9.21 -32.84 13.60
C ILE A 434 -8.81 -35.16 12.03
N ARG A 435 -8.33 -32.15 14.32
N ARG A 435 -8.12 -34.62 13.04
CA ARG A 435 -8.57 -31.70 15.69
CA ARG A 435 -8.77 -34.10 14.24
C ARG A 435 -9.03 -30.25 15.71
C ARG A 435 -8.46 -32.62 14.38
N GLY A 436 -9.77 -29.90 16.78
N GLY A 436 -9.47 -31.85 14.76
CA GLY A 436 -10.23 -28.54 16.94
CA GLY A 436 -9.26 -30.44 15.03
C GLY A 436 -9.20 -27.62 17.55
C GLY A 436 -8.30 -30.24 16.20
N LEU A 437 -9.42 -26.32 17.39
N LEU A 437 -7.37 -29.31 16.02
CA LEU A 437 -8.45 -25.29 17.75
CA LEU A 437 -6.33 -29.08 17.01
C LEU A 437 -9.07 -24.28 18.71
C LEU A 437 -6.82 -28.11 18.07
N LYS A 438 -8.21 -23.63 19.50
N LYS A 438 -5.92 -27.66 18.94
CA LYS A 438 -8.63 -22.58 20.42
CA LYS A 438 -6.23 -26.64 19.93
C LYS A 438 -7.62 -21.44 20.40
C LYS A 438 -5.14 -25.56 19.90
N PHE A 439 -8.12 -20.22 20.62
N PHE A 439 -5.52 -24.37 20.36
CA PHE A 439 -7.27 -19.03 20.61
CA PHE A 439 -4.65 -23.20 20.35
C PHE A 439 -6.22 -19.07 21.71
C PHE A 439 -3.62 -23.32 21.47
N ILE A 440 -5.01 -18.66 21.36
N ILE A 440 -2.35 -23.55 21.10
CA ILE A 440 -4.00 -18.29 22.34
CA ILE A 440 -1.28 -23.47 22.08
C ILE A 440 -3.55 -16.84 22.20
C ILE A 440 -0.85 -22.03 22.31
N TYR A 441 -3.74 -16.22 21.04
N TYR A 441 -0.72 -21.26 21.23
CA TYR A 441 -3.49 -14.80 20.82
CA TYR A 441 -0.48 -19.82 21.30
C TYR A 441 -4.54 -14.26 19.87
C TYR A 441 -1.70 -19.11 20.72
N GLU A 442 -5.26 -13.23 20.28
N GLU A 442 -2.30 -18.22 21.50
CA GLU A 442 -6.31 -12.64 19.47
CA GLU A 442 -3.47 -17.49 21.02
C GLU A 442 -6.06 -11.14 19.29
C GLU A 442 -3.38 -16.00 21.35
N PRO A 443 -5.88 -10.66 18.06
N PRO A 443 -3.13 -15.14 20.37
CA PRO A 443 -5.82 -9.21 17.83
CA PRO A 443 -3.17 -13.70 20.61
C PRO A 443 -7.15 -8.55 18.10
C PRO A 443 -4.60 -13.18 20.55
N LYS A 444 -7.10 -7.24 18.37
N LYS A 444 -4.75 -11.91 20.92
CA LYS A 444 -8.32 -6.50 18.68
CA LYS A 444 -6.07 -11.29 20.95
C LYS A 444 -9.23 -6.37 17.46
C LYS A 444 -6.64 -11.13 19.55
N GLN A 445 -8.66 -6.23 16.27
N GLN A 445 -5.90 -10.44 18.68
CA GLN A 445 -9.45 -6.14 15.06
CA GLN A 445 -6.35 -10.19 17.31
C GLN A 445 -8.76 -6.93 13.94
C GLN A 445 -5.29 -10.68 16.33
N LEU A 446 -9.58 -7.46 13.03
N LEU A 446 -5.71 -10.82 15.07
CA LEU A 446 -9.11 -8.30 11.93
CA LEU A 446 -4.89 -11.45 14.03
C LEU A 446 -8.21 -9.42 12.44
C LEU A 446 -4.40 -12.82 14.49
N ARG A 447 -8.75 -10.18 13.39
N ARG A 447 -5.32 -13.60 15.07
CA ARG A 447 -7.95 -11.13 14.16
CA ARG A 447 -4.98 -14.94 15.54
C ARG A 447 -7.36 -12.25 13.31
C ARG A 447 -4.54 -15.82 14.38
N PHE A 448 -8.05 -12.65 12.25
N PHE A 448 -5.26 -15.75 13.26
CA PHE A 448 -7.65 -13.82 11.48
CA PHE A 448 -4.94 -16.57 12.10
C PHE A 448 -6.25 -13.71 10.87
C PHE A 448 -3.54 -16.32 11.56
N PHE A 449 -5.78 -12.47 10.67
N PHE A 449 -2.93 -15.17 11.88
CA PHE A 449 -4.48 -12.27 10.02
CA PHE A 449 -1.64 -14.80 11.31
C PHE A 449 -3.34 -12.88 10.83
C PHE A 449 -0.46 -15.10 12.22
N THR A 450 -3.28 -12.56 12.12
N THR A 450 -0.66 -15.26 13.53
CA THR A 450 -2.15 -12.97 12.96
CA THR A 450 0.46 -15.37 14.46
C THR A 450 -2.58 -13.74 14.20
C THR A 450 0.16 -16.36 15.59
N ALA A 451 -3.78 -14.30 14.21
N ALA A 451 -0.52 -17.47 15.26
CA ALA A 451 -4.25 -15.08 15.35
CA ALA A 451 -0.88 -18.46 16.28
C ALA A 451 -3.48 -16.40 15.43
C ALA A 451 -0.54 -19.85 15.78
N ARG A 452 -2.99 -16.72 16.64
N ARG A 452 0.29 -20.57 16.56
CA ARG A 452 -2.35 -17.99 16.92
CA ARG A 452 0.65 -21.94 16.27
C ARG A 452 -3.30 -18.87 17.72
C ARG A 452 -0.13 -22.89 17.18
N PHE A 453 -3.35 -20.14 17.37
N PHE A 453 -0.47 -24.07 16.64
CA PHE A 453 -4.27 -21.09 17.97
CA PHE A 453 -1.36 -25.02 17.30
C PHE A 453 -3.49 -22.21 18.63
C PHE A 453 -0.69 -26.39 17.36
N ASP A 454 -4.22 -23.02 19.40
N ASP A 454 -1.43 -27.36 17.90
CA ASP A 454 -3.72 -24.24 20.00
CA ASP A 454 -0.93 -28.72 18.06
C ASP A 454 -4.80 -25.30 19.88
C ASP A 454 -2.11 -29.68 18.09
N TYR A 455 -4.38 -26.56 19.75
N TYR A 455 -1.99 -30.80 17.38
CA TYR A 455 -5.34 -27.65 19.65
CA TYR A 455 -3.10 -31.74 17.27
C TYR A 455 -6.11 -27.83 20.95
C TYR A 455 -3.52 -32.24 18.66
N ILE A 456 -7.35 -28.31 20.82
N ILE A 456 -4.82 -32.46 18.81
CA ILE A 456 -8.18 -28.64 21.97
CA ILE A 456 -5.36 -32.93 20.08
C ILE A 456 -8.01 -30.12 22.28
C ILE A 456 -5.31 -34.46 20.13
N ASN B 2 36.58 18.47 -2.90
CA ASN B 2 36.50 18.66 -4.34
C ASN B 2 35.15 18.18 -4.86
N TYR B 3 35.09 17.79 -6.14
CA TYR B 3 33.87 17.24 -6.72
C TYR B 3 34.17 15.92 -7.40
N PRO B 4 33.78 14.78 -6.82
CA PRO B 4 34.17 13.49 -7.39
C PRO B 4 33.30 13.11 -8.57
N ALA B 5 33.87 12.25 -9.42
CA ALA B 5 33.08 11.67 -10.50
C ALA B 5 32.06 10.71 -9.92
N GLU B 6 31.08 10.36 -10.75
CA GLU B 6 30.07 9.40 -10.34
C GLU B 6 30.74 8.08 -10.00
N PRO B 7 30.47 7.50 -8.81
CA PRO B 7 31.02 6.18 -8.49
C PRO B 7 30.21 5.04 -9.07
N PHE B 8 29.84 5.17 -10.34
CA PHE B 8 29.06 4.18 -11.08
C PHE B 8 29.08 4.59 -12.55
N ARG B 9 28.74 3.64 -13.42
CA ARG B 9 28.53 3.99 -14.81
C ARG B 9 27.06 3.79 -15.14
N ILE B 10 26.66 4.27 -16.32
CA ILE B 10 25.28 4.19 -16.74
C ILE B 10 25.00 2.80 -17.33
N LYS B 11 24.01 2.11 -16.76
CA LYS B 11 23.57 0.83 -17.30
C LYS B 11 22.49 1.01 -18.36
N SER B 12 21.55 1.94 -18.12
CA SER B 12 20.50 2.19 -19.10
C SER B 12 20.01 3.62 -18.96
N VAL B 13 19.46 4.15 -20.05
CA VAL B 13 19.09 5.56 -20.08
C VAL B 13 17.59 5.70 -20.28
N GLU B 14 17.08 6.86 -19.87
CA GLU B 14 15.71 7.29 -20.13
C GLU B 14 15.80 8.41 -21.15
N THR B 15 15.23 8.18 -22.31
CA THR B 15 15.30 9.17 -23.37
C THR B 15 14.33 10.31 -23.09
N VAL B 16 14.71 11.53 -23.48
N VAL B 16 14.69 11.50 -23.59
CA VAL B 16 13.99 12.71 -23.04
CA VAL B 16 13.83 12.68 -23.58
C VAL B 16 13.60 13.54 -24.26
C VAL B 16 13.76 13.21 -25.01
N SER B 17 12.65 14.44 -24.03
N SER B 17 12.90 14.20 -25.25
CA SER B 17 12.19 15.38 -25.06
CA SER B 17 12.62 14.70 -26.59
C SER B 17 13.11 16.60 -25.05
C SER B 17 13.49 15.89 -27.02
N MET B 18 13.95 16.70 -26.07
CA MET B 18 14.79 17.89 -26.29
CA MET B 18 14.79 17.88 -26.31
C MET B 18 14.04 18.90 -27.19
N ILE B 19 13.02 19.51 -26.60
CA ILE B 19 12.21 20.47 -27.34
C ILE B 19 12.76 21.88 -27.13
N PRO B 20 12.75 22.74 -28.17
CA PRO B 20 13.33 24.07 -28.04
C PRO B 20 12.50 25.05 -27.22
N ARG B 21 13.07 26.23 -26.98
CA ARG B 21 12.46 27.20 -26.06
C ARG B 21 11.07 27.62 -26.52
N ASP B 22 10.89 27.79 -27.82
CA ASP B 22 9.58 28.21 -28.35
C ASP B 22 8.50 27.20 -27.99
N GLU B 23 8.78 25.91 -28.12
CA GLU B 23 7.78 24.92 -27.71
C GLU B 23 7.65 24.85 -26.20
N ARG B 24 8.75 25.05 -25.46
CA ARG B 24 8.68 25.05 -24.00
C ARG B 24 7.74 26.12 -23.48
N LEU B 25 7.74 27.30 -24.12
CA LEU B 25 6.84 28.36 -23.71
C LEU B 25 5.38 27.95 -23.96
N LYS B 26 5.12 27.27 -25.08
CA LYS B 26 3.76 26.80 -25.37
C LYS B 26 3.28 25.81 -24.32
N LYS B 27 4.12 24.82 -23.97
CA LYS B 27 3.74 23.90 -22.90
C LYS B 27 3.53 24.63 -21.58
N MET B 28 4.38 25.61 -21.28
CA MET B 28 4.26 26.33 -20.02
C MET B 28 2.96 27.13 -19.98
N GLN B 29 2.55 27.70 -21.11
CA GLN B 29 1.27 28.39 -21.17
C GLN B 29 0.10 27.42 -21.03
N GLU B 30 0.19 26.27 -21.70
CA GLU B 30 -0.84 25.25 -21.56
C GLU B 30 -0.94 24.76 -20.13
N ALA B 31 0.19 24.69 -19.42
CA ALA B 31 0.23 24.35 -18.00
C ALA B 31 -0.16 25.51 -17.08
N GLY B 32 -0.61 26.64 -17.64
CA GLY B 32 -1.02 27.76 -16.83
C GLY B 32 0.09 28.41 -16.05
N TYR B 33 1.34 28.27 -16.52
CA TYR B 33 2.54 28.76 -15.83
C TYR B 33 2.74 28.07 -14.48
N ASN B 34 2.15 26.89 -14.30
CA ASN B 34 2.30 26.11 -13.08
C ASN B 34 3.10 24.85 -13.43
N THR B 35 4.34 24.77 -12.90
CA THR B 35 5.20 23.61 -13.21
C THR B 35 4.57 22.31 -12.75
N PHE B 36 3.65 22.34 -11.79
CA PHE B 36 2.99 21.12 -11.36
C PHE B 36 2.07 20.55 -12.42
N LEU B 37 1.65 21.37 -13.39
CA LEU B 37 0.77 20.89 -14.45
C LEU B 37 1.53 20.47 -15.70
N LEU B 38 2.86 20.61 -15.72
CA LEU B 38 3.61 20.17 -16.89
C LEU B 38 3.58 18.65 -16.99
N ASN B 39 3.49 18.15 -18.23
CA ASN B 39 3.62 16.72 -18.49
C ASN B 39 5.08 16.30 -18.42
N SER B 40 5.32 15.21 -17.71
CA SER B 40 6.65 14.62 -17.61
C SER B 40 7.34 14.50 -18.97
N LYS B 41 6.60 14.12 -20.01
CA LYS B 41 7.22 13.91 -21.32
C LYS B 41 7.74 15.19 -21.97
N ASP B 42 7.43 16.36 -21.42
CA ASP B 42 7.86 17.63 -21.97
C ASP B 42 9.00 18.26 -21.19
N ILE B 43 9.55 17.55 -20.22
CA ILE B 43 10.54 18.08 -19.30
C ILE B 43 11.87 17.39 -19.55
N TYR B 44 12.93 18.19 -19.65
CA TYR B 44 14.27 17.66 -19.86
C TYR B 44 14.88 17.15 -18.54
N ILE B 45 14.98 18.03 -17.56
CA ILE B 45 15.55 17.73 -16.24
C ILE B 45 14.46 18.00 -15.22
N ASP B 46 14.00 16.95 -14.53
CA ASP B 46 12.85 17.10 -13.62
C ASP B 46 13.36 17.16 -12.18
N LEU B 47 13.46 18.37 -11.65
CA LEU B 47 13.92 18.60 -10.29
C LEU B 47 12.77 18.90 -9.32
N LEU B 48 11.57 18.39 -9.62
CA LEU B 48 10.40 18.66 -8.79
C LEU B 48 10.58 18.07 -7.40
N THR B 49 11.03 16.83 -7.31
CA THR B 49 11.26 16.18 -6.03
C THR B 49 12.32 15.10 -6.17
N ASP B 50 12.98 14.82 -5.04
CA ASP B 50 13.88 13.68 -4.92
C ASP B 50 13.19 12.45 -4.38
N SER B 51 11.85 12.48 -4.28
CA SER B 51 11.08 11.39 -3.68
C SER B 51 10.58 10.44 -4.78
N GLY B 52 11.06 9.20 -4.77
CA GLY B 52 10.58 8.19 -5.69
C GLY B 52 11.07 8.32 -7.11
N THR B 53 11.96 9.26 -7.37
CA THR B 53 12.48 9.51 -8.71
C THR B 53 13.90 8.97 -8.91
N ASN B 54 14.39 8.13 -8.00
CA ASN B 54 15.77 7.67 -8.04
C ASN B 54 15.99 6.61 -9.13
N ALA B 55 17.22 6.54 -9.61
CA ALA B 55 17.59 5.47 -10.54
C ALA B 55 18.12 4.28 -9.74
N MET B 56 17.59 3.10 -10.02
CA MET B 56 18.01 1.89 -9.36
C MET B 56 19.21 1.29 -10.08
N SER B 57 19.90 0.39 -9.38
CA SER B 57 21.06 -0.28 -9.94
C SER B 57 20.66 -1.56 -10.67
N ASP B 58 21.62 -2.12 -11.41
CA ASP B 58 21.38 -3.42 -12.04
C ASP B 58 21.02 -4.47 -11.01
N LYS B 59 21.65 -4.41 -9.83
CA LYS B 59 21.38 -5.38 -8.77
C LYS B 59 19.92 -5.31 -8.31
N GLN B 60 19.42 -4.08 -8.10
CA GLN B 60 18.03 -3.93 -7.69
C GLN B 60 17.10 -4.46 -8.77
N TRP B 61 17.39 -4.12 -10.03
CA TRP B 61 16.57 -4.63 -11.12
C TRP B 61 16.65 -6.15 -11.23
N ALA B 62 17.81 -6.74 -10.90
CA ALA B 62 17.86 -8.20 -10.81
C ALA B 62 16.93 -8.69 -9.72
N GLY B 63 16.87 -8.00 -8.58
CA GLY B 63 15.94 -8.36 -7.53
C GLY B 63 14.49 -8.14 -7.92
N MET B 64 14.23 -7.18 -8.82
CA MET B 64 12.87 -6.98 -9.34
C MET B 64 12.38 -8.20 -10.11
N MET B 65 13.28 -8.94 -10.74
CA MET B 65 12.94 -10.18 -11.44
C MET B 65 12.70 -11.34 -10.50
N MET B 66 13.04 -11.21 -9.22
N MET B 66 13.03 -11.18 -9.21
CA MET B 66 12.89 -12.29 -8.25
CA MET B 66 12.93 -12.24 -8.22
C MET B 66 11.84 -11.93 -7.21
C MET B 66 11.80 -11.99 -7.24
N GLY B 67 10.77 -11.28 -7.66
CA GLY B 67 9.67 -10.95 -6.78
C GLY B 67 8.91 -12.19 -6.36
N ASP B 68 8.83 -12.44 -5.07
CA ASP B 68 8.00 -13.47 -4.48
C ASP B 68 6.70 -12.80 -4.08
N GLU B 69 5.68 -12.94 -4.92
CA GLU B 69 4.47 -12.16 -4.75
C GLU B 69 3.44 -12.82 -3.82
N ALA B 70 3.88 -13.69 -2.93
CA ALA B 70 2.97 -14.31 -1.98
C ALA B 70 2.35 -13.29 -1.03
N TYR B 71 1.12 -13.57 -0.61
CA TYR B 71 0.41 -12.70 0.33
C TYR B 71 1.07 -12.68 1.70
N ALA B 72 1.64 -13.79 2.14
CA ALA B 72 2.25 -13.90 3.44
C ALA B 72 3.52 -14.74 3.35
N GLY B 73 4.51 -14.40 4.17
CA GLY B 73 5.73 -15.19 4.19
C GLY B 73 6.63 -15.04 2.97
N SER B 74 6.57 -13.90 2.29
CA SER B 74 7.42 -13.68 1.11
C SER B 74 8.90 -13.65 1.47
N GLU B 75 9.72 -14.28 0.63
CA GLU B 75 11.17 -14.22 0.83
C GLU B 75 11.70 -12.80 0.75
N ASN B 76 11.04 -11.93 -0.02
CA ASN B 76 11.50 -10.56 -0.13
C ASN B 76 11.32 -9.82 1.19
N PHE B 77 10.21 -10.06 1.89
CA PHE B 77 10.01 -9.44 3.19
C PHE B 77 11.12 -9.84 4.16
N TYR B 78 11.44 -11.14 4.21
CA TYR B 78 12.48 -11.60 5.10
C TYR B 78 13.82 -10.95 4.76
N HIS B 79 14.14 -10.82 3.46
N HIS B 79 14.13 -10.83 3.46
CA HIS B 79 15.35 -10.11 3.07
CA HIS B 79 15.34 -10.12 3.06
C HIS B 79 15.32 -8.66 3.56
C HIS B 79 15.32 -8.68 3.55
N LEU B 80 14.17 -8.01 3.44
CA LEU B 80 14.07 -6.62 3.89
C LEU B 80 14.18 -6.52 5.41
N GLU B 81 13.58 -7.48 6.13
CA GLU B 81 13.63 -7.49 7.59
C GLU B 81 15.05 -7.68 8.10
N ARG B 82 15.77 -8.66 7.54
N ARG B 82 15.78 -8.65 7.54
CA ARG B 82 17.16 -8.89 7.94
CA ARG B 82 17.17 -8.87 7.96
C ARG B 82 18.01 -7.64 7.70
C ARG B 82 18.02 -7.65 7.70
N THR B 83 17.79 -6.97 6.58
CA THR B 83 18.61 -5.81 6.21
C THR B 83 18.37 -4.67 7.18
N VAL B 84 17.10 -4.36 7.46
CA VAL B 84 16.79 -3.25 8.35
C VAL B 84 17.28 -3.55 9.76
N GLN B 85 17.10 -4.80 10.22
CA GLN B 85 17.61 -5.17 11.53
C GLN B 85 19.12 -5.06 11.59
N GLU B 86 19.80 -5.37 10.50
CA GLU B 86 21.27 -5.31 10.52
C GLU B 86 21.78 -3.88 10.44
N LEU B 87 21.17 -3.03 9.59
CA LEU B 87 21.69 -1.69 9.33
C LEU B 87 21.14 -0.65 10.31
N PHE B 88 19.87 -0.74 10.70
CA PHE B 88 19.28 0.23 11.61
C PHE B 88 19.34 -0.22 13.06
N GLY B 89 19.33 -1.53 13.30
CA GLY B 89 19.42 -2.08 14.64
C GLY B 89 18.12 -2.21 15.40
N PHE B 90 16.98 -1.90 14.79
CA PHE B 90 15.70 -2.01 15.47
C PHE B 90 15.23 -3.46 15.52
N LYS B 91 14.45 -3.76 16.56
CA LYS B 91 14.02 -5.14 16.78
C LYS B 91 12.94 -5.53 15.76
N HIS B 92 11.94 -4.68 15.57
CA HIS B 92 10.77 -5.03 14.77
C HIS B 92 10.65 -4.09 13.58
N ILE B 93 10.08 -4.61 12.50
CA ILE B 93 10.02 -3.91 11.22
C ILE B 93 8.69 -4.24 10.54
N VAL B 94 7.97 -3.20 10.12
CA VAL B 94 6.69 -3.33 9.44
C VAL B 94 6.77 -2.55 8.13
N PRO B 95 6.62 -3.19 6.97
CA PRO B 95 6.66 -2.45 5.70
C PRO B 95 5.40 -1.62 5.48
N THR B 96 5.57 -0.50 4.77
CA THR B 96 4.46 0.35 4.35
C THR B 96 4.68 0.79 2.91
N HIS B 97 3.61 1.25 2.24
CA HIS B 97 3.77 1.59 0.83
C HIS B 97 4.66 2.81 0.63
N GLN B 98 4.67 3.73 1.59
CA GLN B 98 5.69 4.79 1.61
C GLN B 98 5.69 5.42 3.00
N GLY B 99 6.36 6.57 3.09
CA GLY B 99 6.62 7.16 4.40
C GLY B 99 5.34 7.50 5.14
N ARG B 100 4.41 8.20 4.48
CA ARG B 100 3.22 8.65 5.22
C ARG B 100 2.33 7.50 5.66
N GLY B 101 2.42 6.35 5.01
CA GLY B 101 1.75 5.18 5.55
C GLY B 101 2.28 4.79 6.91
N ALA B 102 3.61 4.83 7.09
CA ALA B 102 4.17 4.52 8.39
C ALA B 102 3.79 5.58 9.42
N GLU B 103 3.74 6.86 9.01
CA GLU B 103 3.39 7.94 9.93
C GLU B 103 1.96 7.81 10.43
N ASN B 104 1.04 7.39 9.55
CA ASN B 104 -0.33 7.13 9.99
C ASN B 104 -0.35 6.09 11.09
N LEU B 105 0.43 5.02 10.93
CA LEU B 105 0.47 3.96 11.95
C LEU B 105 1.07 4.45 13.25
N LEU B 106 2.20 5.15 13.17
CA LEU B 106 2.88 5.58 14.39
C LEU B 106 2.02 6.56 15.19
N SER B 107 1.32 7.46 14.49
CA SER B 107 0.50 8.44 15.18
C SER B 107 -0.67 7.79 15.90
N GLN B 108 -1.27 6.76 15.29
CA GLN B 108 -2.40 6.11 15.92
C GLN B 108 -1.98 5.21 17.08
N LEU B 109 -0.74 4.73 17.06
CA LEU B 109 -0.25 3.82 18.08
C LEU B 109 0.33 4.55 19.29
N ALA B 110 0.95 5.71 19.08
CA ALA B 110 1.78 6.34 20.10
C ALA B 110 1.20 7.62 20.69
N ILE B 111 0.05 8.09 20.22
CA ILE B 111 -0.50 9.37 20.64
C ILE B 111 -1.83 9.15 21.36
N LYS B 112 -1.95 9.71 22.55
CA LYS B 112 -3.23 9.83 23.22
C LYS B 112 -3.78 11.24 23.03
N PRO B 113 -5.08 11.37 22.81
CA PRO B 113 -5.66 12.69 22.52
C PRO B 113 -5.41 13.67 23.67
N GLY B 114 -4.85 14.82 23.31
CA GLY B 114 -4.45 15.84 24.26
C GLY B 114 -2.97 15.92 24.50
N GLN B 115 -2.21 14.87 24.20
CA GLN B 115 -0.78 14.89 24.42
C GLN B 115 -0.10 15.82 23.42
N TYR B 116 1.16 16.10 23.70
CA TYR B 116 2.00 16.96 22.87
C TYR B 116 3.02 16.12 22.11
N VAL B 117 3.34 16.57 20.90
CA VAL B 117 4.43 16.00 20.11
C VAL B 117 5.38 17.13 19.73
N ALA B 118 6.66 16.96 20.03
CA ALA B 118 7.68 17.96 19.81
C ALA B 118 8.68 17.46 18.78
N GLY B 119 9.13 18.35 17.90
CA GLY B 119 10.09 17.97 16.88
C GLY B 119 10.94 19.14 16.43
N ASN B 120 11.99 18.81 15.67
CA ASN B 120 12.85 19.82 15.05
C ASN B 120 12.20 20.22 13.73
N MET B 121 11.27 21.17 13.81
CA MET B 121 10.40 21.53 12.69
C MET B 121 9.54 20.34 12.28
N TYR B 122 8.69 20.52 11.27
CA TYR B 122 7.70 19.53 10.92
C TYR B 122 7.74 19.24 9.42
N PHE B 123 6.96 18.24 9.03
CA PHE B 123 6.60 17.97 7.65
C PHE B 123 5.09 17.91 7.56
N THR B 124 4.56 18.17 6.37
CA THR B 124 3.11 18.33 6.21
C THR B 124 2.36 17.07 6.62
N THR B 125 2.75 15.91 6.06
CA THR B 125 2.01 14.68 6.36
C THR B 125 2.27 14.21 7.78
N THR B 126 3.50 14.34 8.27
CA THR B 126 3.84 13.90 9.62
C THR B 126 3.04 14.69 10.66
N ARG B 127 2.98 16.01 10.51
CA ARG B 127 2.23 16.83 11.44
C ARG B 127 0.73 16.59 11.33
N TYR B 128 0.24 16.28 10.12
CA TYR B 128 -1.19 16.04 9.96
C TYR B 128 -1.63 14.83 10.79
N HIS B 129 -0.92 13.71 10.64
CA HIS B 129 -1.30 12.50 11.36
C HIS B 129 -1.17 12.66 12.86
N GLN B 130 -0.20 13.47 13.32
CA GLN B 130 -0.11 13.80 14.74
C GLN B 130 -1.30 14.64 15.18
N GLU B 131 -1.65 15.66 14.40
CA GLU B 131 -2.77 16.52 14.76
C GLU B 131 -4.11 15.82 14.56
N LYS B 132 -4.20 14.92 13.56
CA LYS B 132 -5.45 14.19 13.34
C LYS B 132 -5.76 13.25 14.50
N ASN B 133 -4.73 12.75 15.18
CA ASN B 133 -4.88 11.87 16.32
C ASN B 133 -4.91 12.61 17.66
N GLY B 134 -5.13 13.92 17.65
CA GLY B 134 -5.35 14.66 18.88
C GLY B 134 -4.13 15.28 19.51
N ALA B 135 -2.97 15.22 18.86
CA ALA B 135 -1.76 15.80 19.43
C ALA B 135 -1.62 17.27 19.05
N VAL B 136 -0.89 18.00 19.88
CA VAL B 136 -0.54 19.39 19.63
C VAL B 136 0.95 19.44 19.34
N PHE B 137 1.32 20.05 18.20
CA PHE B 137 2.71 20.10 17.78
C PHE B 137 3.44 21.27 18.44
N VAL B 138 4.69 21.03 18.82
CA VAL B 138 5.57 22.03 19.40
C VAL B 138 6.91 21.96 18.67
N ASP B 139 7.33 23.08 18.11
CA ASP B 139 8.63 23.14 17.46
C ASP B 139 9.71 23.39 18.51
N ILE B 140 10.70 22.51 18.57
CA ILE B 140 11.80 22.63 19.52
C ILE B 140 13.15 22.70 18.80
N VAL B 141 13.15 22.97 17.50
CA VAL B 141 14.41 23.14 16.79
C VAL B 141 15.14 24.37 17.30
N ARG B 142 16.45 24.39 17.10
CA ARG B 142 17.25 25.54 17.47
C ARG B 142 16.85 26.75 16.62
N ASP B 143 16.97 27.94 17.20
CA ASP B 143 16.49 29.16 16.56
C ASP B 143 17.25 29.49 15.28
N GLU B 144 18.51 29.07 15.18
CA GLU B 144 19.29 29.39 13.99
C GLU B 144 18.71 28.74 12.73
N ALA B 145 17.94 27.66 12.89
CA ALA B 145 17.38 26.97 11.73
C ALA B 145 16.39 27.84 10.94
N HIS B 146 15.85 28.88 11.56
CA HIS B 146 14.91 29.78 10.90
C HIS B 146 15.60 30.92 10.16
N ASP B 147 16.94 30.98 10.21
CA ASP B 147 17.71 32.00 9.49
C ASP B 147 18.23 31.37 8.21
N ALA B 148 17.63 31.77 7.07
CA ALA B 148 17.92 31.12 5.79
C ALA B 148 19.35 31.37 5.35
N GLY B 149 19.90 32.54 5.65
CA GLY B 149 21.24 32.91 5.23
C GLY B 149 22.36 32.51 6.16
N LEU B 150 22.03 32.02 7.36
CA LEU B 150 23.04 31.66 8.34
C LEU B 150 23.75 30.38 7.92
N ASN B 151 25.06 30.45 7.69
CA ASN B 151 25.83 29.29 7.22
C ASN B 151 26.57 28.67 8.41
N ILE B 152 25.86 27.80 9.12
CA ILE B 152 26.43 27.05 10.24
C ILE B 152 26.10 25.57 10.09
N ALA B 153 26.94 24.73 10.68
CA ALA B 153 26.77 23.29 10.60
C ALA B 153 25.66 22.82 11.55
N PHE B 154 24.97 21.76 11.13
CA PHE B 154 23.97 21.06 11.93
C PHE B 154 22.86 22.00 12.42
N LYS B 155 22.26 22.68 11.45
CA LYS B 155 21.14 23.58 11.73
C LYS B 155 19.92 22.82 12.27
N GLY B 156 19.80 21.52 11.97
CA GLY B 156 18.63 20.76 12.38
C GLY B 156 18.59 20.31 13.82
N ASP B 157 19.62 20.60 14.61
CA ASP B 157 19.66 20.14 16.00
C ASP B 157 18.48 20.68 16.79
N ILE B 158 18.04 19.89 17.76
CA ILE B 158 16.98 20.31 18.67
C ILE B 158 17.58 21.16 19.78
N ASP B 159 16.92 22.28 20.08
CA ASP B 159 17.29 23.10 21.23
C ASP B 159 16.94 22.32 22.51
N LEU B 160 17.97 21.85 23.22
CA LEU B 160 17.72 21.03 24.40
C LEU B 160 16.94 21.78 25.49
N LYS B 161 17.04 23.11 25.52
CA LYS B 161 16.32 23.86 26.55
C LYS B 161 14.85 24.06 26.21
N LYS B 162 14.51 24.21 24.93
CA LYS B 162 13.09 24.22 24.57
C LYS B 162 12.44 22.89 24.93
N LEU B 163 13.13 21.78 24.68
CA LEU B 163 12.61 20.47 25.06
C LEU B 163 12.47 20.35 26.58
N GLN B 164 13.45 20.87 27.32
CA GLN B 164 13.36 20.85 28.77
C GLN B 164 12.25 21.75 29.27
N LYS B 165 12.09 22.92 28.65
CA LYS B 165 11.01 23.82 29.05
C LYS B 165 9.64 23.21 28.77
N LEU B 166 9.52 22.41 27.70
CA LEU B 166 8.27 21.74 27.43
C LEU B 166 7.96 20.68 28.48
N ILE B 167 8.98 19.90 28.87
CA ILE B 167 8.77 18.85 29.86
C ILE B 167 8.34 19.44 31.20
N ASP B 168 8.92 20.57 31.58
CA ASP B 168 8.60 21.16 32.88
C ASP B 168 7.21 21.78 32.88
N GLU B 169 6.85 22.50 31.81
CA GLU B 169 5.58 23.20 31.78
C GLU B 169 4.41 22.25 31.57
N LYS B 170 4.58 21.24 30.71
CA LYS B 170 3.45 20.39 30.34
C LYS B 170 3.45 19.05 31.05
N GLY B 171 4.59 18.56 31.53
CA GLY B 171 4.66 17.27 32.18
C GLY B 171 4.99 16.14 31.24
N ALA B 172 5.77 15.16 31.72
CA ALA B 172 6.26 14.08 30.85
C ALA B 172 5.11 13.17 30.41
N GLU B 173 4.17 12.87 31.30
CA GLU B 173 3.06 11.99 30.96
C GLU B 173 2.19 12.58 29.86
N ASN B 174 2.24 13.90 29.66
CA ASN B 174 1.45 14.57 28.64
C ASN B 174 2.21 14.75 27.33
N ILE B 175 3.35 14.10 27.17
CA ILE B 175 4.14 14.18 25.95
C ILE B 175 4.06 12.81 25.27
N ALA B 176 3.46 12.79 24.08
CA ALA B 176 3.36 11.54 23.34
C ALA B 176 4.75 11.00 22.99
N TYR B 177 5.53 11.79 22.27
CA TYR B 177 6.89 11.40 21.92
C TYR B 177 7.63 12.60 21.35
N ILE B 178 8.92 12.41 21.07
CA ILE B 178 9.73 13.39 20.37
C ILE B 178 9.96 12.90 18.94
N CYS B 179 9.69 13.77 17.98
CA CYS B 179 9.83 13.44 16.56
C CYS B 179 11.08 14.14 16.06
N LEU B 180 12.18 13.40 15.95
CA LEU B 180 13.45 13.91 15.44
C LEU B 180 13.60 13.53 13.96
N ALA B 181 13.67 14.52 13.09
CA ALA B 181 13.81 14.26 11.66
C ALA B 181 15.26 14.40 11.22
N VAL B 182 15.72 13.46 10.39
CA VAL B 182 17.04 13.51 9.78
C VAL B 182 16.87 13.18 8.29
N THR B 183 17.19 14.13 7.41
CA THR B 183 17.54 15.50 7.75
C THR B 183 16.27 16.35 7.99
N VAL B 184 16.44 17.67 8.17
CA VAL B 184 15.29 18.55 8.41
C VAL B 184 14.89 19.19 7.09
N ASN B 185 13.73 18.77 6.57
CA ASN B 185 13.31 19.19 5.23
C ASN B 185 13.05 20.69 5.18
N LEU B 186 12.27 21.22 6.14
CA LEU B 186 11.83 22.61 6.04
C LEU B 186 12.94 23.62 6.29
N ALA B 187 14.06 23.21 6.86
CA ALA B 187 15.20 24.12 7.02
C ALA B 187 16.11 24.15 5.80
N GLY B 188 15.76 23.41 4.75
CA GLY B 188 16.57 23.32 3.57
C GLY B 188 17.34 22.03 3.41
N GLY B 189 16.97 20.97 4.14
CA GLY B 189 17.72 19.73 4.13
C GLY B 189 18.92 19.73 5.05
N GLN B 190 18.78 20.33 6.26
CA GLN B 190 19.88 20.54 7.20
C GLN B 190 20.04 19.33 8.13
N PRO B 191 21.28 18.93 8.40
CA PRO B 191 21.52 17.72 9.19
C PRO B 191 21.43 17.96 10.69
N VAL B 192 21.33 16.84 11.42
CA VAL B 192 21.33 16.81 12.88
C VAL B 192 22.61 16.12 13.35
N SER B 193 23.22 16.65 14.40
CA SER B 193 24.48 16.07 14.87
C SER B 193 24.24 14.85 15.75
N MET B 194 25.22 13.96 15.76
CA MET B 194 25.15 12.80 16.65
C MET B 194 25.13 13.24 18.12
N ALA B 195 25.88 14.30 18.45
CA ALA B 195 25.87 14.79 19.82
C ALA B 195 24.47 15.21 20.24
N ASN B 196 23.72 15.83 19.32
CA ASN B 196 22.36 16.24 19.63
C ASN B 196 21.45 15.04 19.85
N MET B 197 21.55 14.02 19.00
CA MET B 197 20.75 12.82 19.17
C MET B 197 21.06 12.13 20.48
N ARG B 198 22.33 12.12 20.87
CA ARG B 198 22.71 11.54 22.15
C ARG B 198 22.10 12.32 23.30
N ALA B 199 22.20 13.65 23.25
CA ALA B 199 21.66 14.46 24.34
C ALA B 199 20.15 14.35 24.41
N VAL B 200 19.46 14.32 23.27
CA VAL B 200 18.00 14.17 23.28
C VAL B 200 17.61 12.85 23.92
N ARG B 201 18.34 11.77 23.59
CA ARG B 201 18.04 10.46 24.18
C ARG B 201 18.23 10.49 25.70
N GLU B 202 19.30 11.12 26.18
CA GLU B 202 19.55 11.16 27.61
C GLU B 202 18.44 11.89 28.35
N LEU B 203 18.00 13.02 27.80
CA LEU B 203 17.00 13.85 28.48
C LEU B 203 15.65 13.17 28.53
N THR B 204 15.21 12.60 27.40
CA THR B 204 13.88 11.99 27.32
C THR B 204 13.81 10.70 28.13
N GLU B 205 14.90 9.92 28.13
CA GLU B 205 14.88 8.66 28.87
C GLU B 205 14.73 8.90 30.37
N ALA B 206 15.28 10.01 30.87
CA ALA B 206 15.14 10.31 32.28
C ALA B 206 13.69 10.58 32.69
N HIS B 207 12.83 10.93 31.72
CA HIS B 207 11.42 11.17 31.99
C HIS B 207 10.53 10.10 31.37
N GLY B 208 11.10 9.03 30.81
CA GLY B 208 10.30 7.99 30.22
C GLY B 208 9.57 8.40 28.97
N ILE B 209 10.08 9.41 28.26
CA ILE B 209 9.46 9.90 27.03
C ILE B 209 10.07 9.17 25.84
N LYS B 210 9.22 8.76 24.90
CA LYS B 210 9.65 8.06 23.70
C LYS B 210 10.24 9.03 22.67
N VAL B 211 11.16 8.52 21.86
CA VAL B 211 11.75 9.29 20.78
C VAL B 211 11.68 8.45 19.51
N PHE B 212 11.04 8.99 18.47
CA PHE B 212 10.94 8.33 17.18
C PHE B 212 11.53 9.21 16.10
N TYR B 213 12.28 8.60 15.19
CA TYR B 213 12.95 9.34 14.14
C TYR B 213 12.13 9.33 12.85
N ASP B 214 12.22 10.42 12.11
CA ASP B 214 11.78 10.49 10.72
C ASP B 214 13.06 10.33 9.91
N ALA B 215 13.38 9.07 9.56
CA ALA B 215 14.67 8.69 9.02
C ALA B 215 14.78 8.86 7.51
N THR B 216 13.88 9.66 6.93
CA THR B 216 13.72 9.75 5.48
C THR B 216 15.05 9.98 4.76
N ARG B 217 15.86 10.94 5.24
CA ARG B 217 17.12 11.21 4.56
C ARG B 217 18.31 10.99 5.50
N CYS B 218 18.22 9.90 6.27
CA CYS B 218 19.18 9.60 7.32
C CYS B 218 20.57 9.33 6.78
N VAL B 219 20.67 8.81 5.56
CA VAL B 219 22.00 8.53 4.99
C VAL B 219 22.72 9.82 4.62
N GLU B 220 21.99 10.80 4.07
CA GLU B 220 22.59 12.12 3.87
C GLU B 220 23.00 12.72 5.21
N ASN B 221 22.19 12.52 6.25
CA ASN B 221 22.57 13.01 7.56
C ASN B 221 23.86 12.35 8.05
N ALA B 222 24.02 11.05 7.77
CA ALA B 222 25.22 10.33 8.20
C ALA B 222 26.46 10.84 7.50
N TYR B 223 26.34 11.29 6.24
CA TYR B 223 27.50 11.82 5.55
C TYR B 223 27.96 13.13 6.18
N PHE B 224 27.01 14.03 6.50
CA PHE B 224 27.42 15.27 7.14
C PHE B 224 28.10 15.00 8.47
N ILE B 225 27.65 13.99 9.21
CA ILE B 225 28.30 13.66 10.47
C ILE B 225 29.72 13.16 10.21
N LYS B 226 29.89 12.30 9.20
CA LYS B 226 31.21 11.82 8.87
C LYS B 226 32.10 12.95 8.35
N GLU B 227 31.51 13.93 7.69
CA GLU B 227 32.29 15.00 7.06
C GLU B 227 32.61 16.13 8.02
N GLN B 228 31.67 16.54 8.87
CA GLN B 228 31.78 17.79 9.63
C GLN B 228 31.78 17.64 11.13
N GLU B 229 31.42 16.49 11.68
CA GLU B 229 31.45 16.30 13.13
C GLU B 229 32.77 15.63 13.50
N GLN B 230 33.46 16.22 14.48
CA GLN B 230 34.78 15.76 14.88
C GLN B 230 34.68 14.43 15.63
N GLY B 231 35.51 13.48 15.25
CA GLY B 231 35.51 12.16 15.87
C GLY B 231 34.80 11.07 15.09
N PHE B 232 34.26 11.38 13.91
CA PHE B 232 33.55 10.40 13.11
C PHE B 232 34.19 10.23 11.74
N GLU B 233 35.33 10.86 11.50
CA GLU B 233 36.01 10.78 10.21
C GLU B 233 36.52 9.39 9.90
N ASN B 234 36.71 8.54 10.91
CA ASN B 234 37.15 7.17 10.68
C ASN B 234 36.00 6.17 10.70
N LYS B 235 34.79 6.59 11.03
CA LYS B 235 33.63 5.70 11.04
C LYS B 235 33.09 5.54 9.63
N SER B 236 32.62 4.34 9.32
CA SER B 236 31.93 4.12 8.06
C SER B 236 30.52 4.72 8.12
N ILE B 237 29.91 4.87 6.94
CA ILE B 237 28.55 5.41 6.89
C ILE B 237 27.60 4.50 7.68
N ALA B 238 27.75 3.18 7.53
CA ALA B 238 26.84 2.25 8.21
C ALA B 238 26.99 2.32 9.73
N GLU B 239 28.23 2.45 10.23
CA GLU B 239 28.43 2.59 11.67
C GLU B 239 27.74 3.85 12.22
N ILE B 240 27.77 4.94 11.45
CA ILE B 240 27.13 6.18 11.87
C ILE B 240 25.61 6.03 11.86
N VAL B 241 25.08 5.38 10.83
CA VAL B 241 23.64 5.12 10.75
C VAL B 241 23.19 4.23 11.90
N HIS B 242 23.94 3.15 12.17
CA HIS B 242 23.57 2.24 13.24
C HIS B 242 23.60 2.94 14.58
N GLU B 243 24.55 3.86 14.78
CA GLU B 243 24.62 4.57 16.05
C GLU B 243 23.51 5.61 16.18
N MET B 244 23.18 6.29 15.08
CA MET B 244 22.09 7.27 15.09
C MET B 244 20.81 6.66 15.65
N PHE B 245 20.44 5.48 15.13
CA PHE B 245 19.20 4.85 15.54
C PHE B 245 19.29 4.17 16.90
N SER B 246 20.49 4.04 17.47
CA SER B 246 20.58 3.51 18.81
C SER B 246 20.00 4.47 19.85
N TYR B 247 19.77 5.72 19.48
CA TYR B 247 19.20 6.71 20.41
C TYR B 247 17.71 6.92 20.20
N ALA B 248 17.06 6.06 19.41
CA ALA B 248 15.64 6.18 19.14
C ALA B 248 14.95 4.89 19.57
N ASP B 249 13.64 5.00 19.78
CA ASP B 249 12.81 3.84 20.09
C ASP B 249 12.12 3.26 18.86
N GLY B 250 12.15 3.98 17.74
CA GLY B 250 11.55 3.52 16.50
C GLY B 250 11.81 4.55 15.43
N CYS B 251 11.23 4.32 14.25
CA CYS B 251 11.38 5.27 13.17
C CYS B 251 10.31 5.05 12.12
N THR B 252 9.97 6.12 11.41
CA THR B 252 9.25 6.03 10.16
C THR B 252 10.24 6.33 9.04
N MET B 253 10.20 5.54 7.98
CA MET B 253 11.16 5.66 6.90
C MET B 253 10.43 5.68 5.56
N SER B 254 10.86 6.57 4.68
CA SER B 254 10.40 6.60 3.29
C SER B 254 11.54 6.06 2.43
N GLY B 255 11.40 4.83 1.95
CA GLY B 255 12.40 4.28 1.04
C GLY B 255 12.55 5.09 -0.23
N LYS B 256 11.49 5.80 -0.63
CA LYS B 256 11.50 6.64 -1.82
C LYS B 256 12.60 7.69 -1.84
N1 LLP B 257 8.99 13.21 6.21
C2 LLP B 257 9.90 13.83 5.44
C2' LLP B 257 11.02 14.70 6.11
C3 LLP B 257 9.86 13.70 4.03
O3 LLP B 257 10.84 14.36 3.26
C4 LLP B 257 8.87 12.94 3.43
C4' LLP B 257 8.85 12.79 1.82
C5 LLP B 257 7.94 12.31 4.20
C6 LLP B 257 7.99 12.45 5.61
C5' LLP B 257 6.79 11.42 3.62
OP4 LLP B 257 7.31 10.24 3.03
P LLP B 257 6.51 9.69 1.82
OP1 LLP B 257 6.44 10.70 0.69
OP2 LLP B 257 7.18 8.43 1.36
OP3 LLP B 257 5.10 9.41 2.23
N LLP B 257 13.21 7.96 -0.69
CA LLP B 257 14.34 8.91 -0.68
CB LLP B 257 14.10 9.97 0.38
CG LLP B 257 12.61 10.25 0.20
CD LLP B 257 12.14 11.70 0.34
CE LLP B 257 10.64 11.61 0.67
NZ LLP B 257 10.19 12.87 1.29
C LLP B 257 15.60 8.14 -0.54
O LLP B 257 16.09 7.67 -1.55
N ASP B 258 16.13 7.96 0.67
CA ASP B 258 17.49 7.41 0.79
C ASP B 258 17.66 5.89 0.58
N CYS B 259 16.60 5.14 0.29
CA CYS B 259 16.75 3.72 -0.04
C CYS B 259 16.88 3.48 -1.53
N LEU B 260 16.92 4.56 -2.34
CA LEU B 260 17.21 4.46 -3.77
C LEU B 260 16.16 3.65 -4.53
N VAL B 261 14.88 3.89 -4.22
CA VAL B 261 13.79 3.20 -4.90
C VAL B 261 12.71 4.20 -5.29
N ASN B 262 11.71 3.69 -6.02
CA ASN B 262 10.62 4.48 -6.57
C ASN B 262 9.33 4.35 -5.77
N ILE B 263 9.28 3.43 -4.81
CA ILE B 263 8.12 3.23 -3.94
C ILE B 263 8.61 2.46 -2.73
N GLY B 264 7.94 2.63 -1.59
CA GLY B 264 8.28 1.86 -0.41
C GLY B 264 8.65 2.68 0.81
N GLY B 265 8.36 2.12 1.98
CA GLY B 265 8.71 2.70 3.26
C GLY B 265 8.51 1.65 4.33
N PHE B 266 8.77 2.03 5.59
CA PHE B 266 8.54 1.07 6.65
C PHE B 266 8.56 1.79 8.01
N LEU B 267 8.19 1.02 9.03
CA LEU B 267 8.10 1.48 10.40
C LEU B 267 8.89 0.52 11.27
N CYS B 268 9.80 1.07 12.08
CA CYS B 268 10.63 0.26 12.97
C CYS B 268 10.30 0.56 14.42
N MET B 269 10.61 -0.42 15.29
CA MET B 269 10.23 -0.38 16.69
C MET B 269 11.07 -1.37 17.46
N ASN B 270 11.35 -1.04 18.72
CA ASN B 270 11.96 -1.97 19.64
C ASN B 270 10.96 -2.60 20.60
N ASP B 271 9.84 -1.93 20.86
CA ASP B 271 8.86 -2.39 21.85
C ASP B 271 8.00 -3.50 21.27
N ASP B 272 7.83 -4.57 22.05
CA ASP B 272 7.06 -5.72 21.56
C ASP B 272 5.56 -5.43 21.56
N GLU B 273 5.06 -4.77 22.60
CA GLU B 273 3.64 -4.47 22.66
C GLU B 273 3.24 -3.52 21.53
N MET B 274 4.06 -2.50 21.28
CA MET B 274 3.76 -1.59 20.19
C MET B 274 3.81 -2.31 18.84
N PHE B 275 4.77 -3.23 18.69
CA PHE B 275 4.86 -4.01 17.46
C PHE B 275 3.67 -4.93 17.32
N SER B 276 3.22 -5.52 18.42
CA SER B 276 2.00 -6.31 18.40
C SER B 276 0.81 -5.46 17.94
N SER B 277 0.71 -4.23 18.42
CA SER B 277 -0.39 -3.36 17.99
C SER B 277 -0.17 -2.86 16.57
N ALA B 278 1.08 -2.73 16.13
CA ALA B 278 1.33 -2.27 14.78
C ALA B 278 0.91 -3.30 13.76
N LYS B 279 1.13 -4.60 14.03
CA LYS B 279 0.70 -5.62 13.09
C LYS B 279 -0.82 -5.67 12.98
N GLU B 280 -1.54 -5.39 14.08
CA GLU B 280 -2.99 -5.35 14.03
C GLU B 280 -3.51 -4.16 13.23
N LEU B 281 -2.75 -3.06 13.19
CA LEU B 281 -3.24 -1.87 12.52
C LEU B 281 -2.82 -1.79 11.06
N VAL B 282 -1.65 -2.34 10.71
CA VAL B 282 -1.16 -2.25 9.33
C VAL B 282 -2.08 -2.97 8.36
N VAL B 283 -2.78 -4.01 8.82
CA VAL B 283 -3.70 -4.72 7.94
C VAL B 283 -4.87 -3.84 7.55
N VAL B 284 -5.17 -2.82 8.35
CA VAL B 284 -6.28 -1.92 8.08
C VAL B 284 -5.98 -0.99 6.90
N TYR B 285 -4.77 -0.47 6.84
CA TYR B 285 -4.43 0.60 5.90
C TYR B 285 -3.49 0.20 4.78
N GLU B 286 -2.59 -0.75 5.01
CA GLU B 286 -1.58 -1.09 4.03
C GLU B 286 -1.72 -2.52 3.53
N GLY B 287 -1.79 -3.49 4.42
CA GLY B 287 -1.84 -4.89 4.07
C GLY B 287 -1.19 -5.70 5.17
N MET B 288 -0.86 -6.95 4.83
N MET B 288 -0.87 -6.95 4.83
CA MET B 288 -0.24 -7.87 5.77
CA MET B 288 -0.28 -7.85 5.81
C MET B 288 1.07 -7.29 6.28
C MET B 288 1.08 -7.34 6.27
N PRO B 289 1.49 -7.67 7.50
CA PRO B 289 2.84 -7.29 7.96
C PRO B 289 3.94 -7.88 7.12
N SER B 290 3.63 -8.83 6.23
CA SER B 290 4.60 -9.46 5.36
C SER B 290 4.71 -8.79 3.99
N TYR B 291 3.92 -7.76 3.70
CA TYR B 291 4.16 -7.01 2.45
C TYR B 291 3.77 -5.55 2.60
N GLY B 292 2.79 -5.24 3.44
CA GLY B 292 2.48 -3.86 3.80
C GLY B 292 2.17 -2.88 2.68
N GLY B 293 1.33 -3.29 1.72
CA GLY B 293 1.00 -2.41 0.61
C GLY B 293 2.07 -2.31 -0.46
N LEU B 294 2.99 -3.27 -0.51
CA LEU B 294 4.06 -3.33 -1.50
C LEU B 294 4.04 -4.68 -2.22
N ALA B 295 4.35 -4.67 -3.50
CA ALA B 295 4.70 -5.91 -4.18
C ALA B 295 6.01 -6.45 -3.60
N GLY B 296 6.18 -7.77 -3.70
CA GLY B 296 7.41 -8.37 -3.20
C GLY B 296 8.64 -7.79 -3.87
N ARG B 297 8.58 -7.59 -5.18
CA ARG B 297 9.74 -7.07 -5.90
C ARG B 297 10.15 -5.70 -5.36
N ASP B 298 9.20 -4.93 -4.82
CA ASP B 298 9.57 -3.62 -4.27
C ASP B 298 10.23 -3.74 -2.89
N MET B 299 9.77 -4.66 -2.03
CA MET B 299 10.48 -4.94 -0.79
C MET B 299 11.91 -5.39 -1.08
N GLU B 300 12.11 -6.16 -2.16
CA GLU B 300 13.44 -6.62 -2.55
C GLU B 300 14.31 -5.47 -3.05
N ALA B 301 13.76 -4.58 -3.87
CA ALA B 301 14.54 -3.45 -4.36
C ALA B 301 14.93 -2.53 -3.21
N MET B 302 14.03 -2.33 -2.25
CA MET B 302 14.29 -1.45 -1.12
C MET B 302 15.35 -2.06 -0.20
N ALA B 303 15.33 -3.37 -0.03
CA ALA B 303 16.34 -4.04 0.80
C ALA B 303 17.71 -3.91 0.16
N ILE B 304 17.79 -4.07 -1.16
CA ILE B 304 19.07 -3.92 -1.85
C ILE B 304 19.50 -2.47 -1.86
N GLY B 305 18.57 -1.55 -2.12
CA GLY B 305 18.93 -0.13 -2.20
C GLY B 305 19.44 0.40 -0.87
N LEU B 306 18.84 -0.04 0.24
CA LEU B 306 19.29 0.44 1.55
C LEU B 306 20.75 0.06 1.79
N ARG B 307 21.14 -1.13 1.33
CA ARG B 307 22.52 -1.54 1.51
C ARG B 307 23.45 -0.76 0.59
N GLU B 308 22.99 -0.45 -0.62
CA GLU B 308 23.81 0.34 -1.54
C GLU B 308 23.99 1.77 -1.04
N ALA B 309 23.00 2.32 -0.34
CA ALA B 309 23.11 3.69 0.14
C ALA B 309 24.24 3.86 1.14
N MET B 310 24.67 2.78 1.80
CA MET B 310 25.74 2.84 2.80
C MET B 310 27.12 3.04 2.20
N GLN B 311 27.28 2.86 0.90
CA GLN B 311 28.59 3.03 0.27
C GLN B 311 29.02 4.49 0.37
N TYR B 312 30.22 4.71 0.89
CA TYR B 312 30.67 6.09 1.12
C TYR B 312 30.77 6.86 -0.19
N GLU B 313 31.28 6.23 -1.25
CA GLU B 313 31.48 6.96 -2.50
C GLU B 313 30.15 7.40 -3.11
N TYR B 314 29.12 6.57 -2.98
CA TYR B 314 27.81 6.96 -3.49
C TYR B 314 27.29 8.21 -2.76
N ILE B 315 27.28 8.17 -1.41
CA ILE B 315 26.63 9.24 -0.67
C ILE B 315 27.47 10.50 -0.75
N GLU B 316 28.79 10.36 -0.85
CA GLU B 316 29.66 11.53 -1.00
C GLU B 316 29.36 12.24 -2.32
N HIS B 317 29.27 11.47 -3.41
CA HIS B 317 28.95 12.07 -4.70
C HIS B 317 27.55 12.66 -4.74
N ARG B 318 26.57 11.97 -4.14
CA ARG B 318 25.21 12.49 -4.00
C ARG B 318 25.18 13.88 -3.38
N VAL B 319 25.80 14.02 -2.19
CA VAL B 319 25.77 15.30 -1.49
C VAL B 319 26.59 16.35 -2.25
N LYS B 320 27.75 15.97 -2.78
CA LYS B 320 28.60 16.95 -3.44
C LYS B 320 28.08 17.35 -4.80
N GLN B 321 27.26 16.53 -5.45
CA GLN B 321 26.61 17.01 -6.67
C GLN B 321 25.62 18.13 -6.35
N VAL B 322 24.81 17.96 -5.30
CA VAL B 322 23.94 19.03 -4.85
C VAL B 322 24.75 20.25 -4.50
N ARG B 323 25.88 20.05 -3.81
CA ARG B 323 26.72 21.16 -3.38
C ARG B 323 27.33 21.89 -4.57
N TYR B 324 27.71 21.14 -5.61
CA TYR B 324 28.25 21.74 -6.81
C TYR B 324 27.27 22.72 -7.44
N LEU B 325 26.00 22.35 -7.46
CA LEU B 325 24.98 23.24 -7.98
C LEU B 325 24.84 24.48 -7.12
N GLY B 326 24.84 24.31 -5.79
CA GLY B 326 24.75 25.47 -4.91
C GLY B 326 25.98 26.35 -4.98
N ASP B 327 27.17 25.74 -5.07
CA ASP B 327 28.39 26.52 -5.15
C ASP B 327 28.46 27.34 -6.44
N LYS B 328 27.99 26.77 -7.55
CA LYS B 328 28.06 27.51 -8.80
C LYS B 328 27.09 28.68 -8.81
N LEU B 329 25.91 28.50 -8.20
CA LEU B 329 24.95 29.58 -8.09
C LEU B 329 25.46 30.66 -7.15
N LYS B 330 26.01 30.25 -6.01
CA LYS B 330 26.55 31.19 -5.03
C LYS B 330 27.75 31.94 -5.60
N ALA B 331 28.54 31.30 -6.46
CA ALA B 331 29.69 31.98 -7.05
C ALA B 331 29.29 33.06 -8.05
N ALA B 332 28.04 33.04 -8.55
CA ALA B 332 27.57 34.05 -9.47
C ALA B 332 26.73 35.14 -8.78
N GLY B 333 26.51 35.03 -7.48
CA GLY B 333 25.70 36.00 -6.78
C GLY B 333 24.23 35.64 -6.69
N VAL B 334 23.84 34.44 -7.12
CA VAL B 334 22.43 34.04 -7.06
C VAL B 334 22.05 33.73 -5.62
N PRO B 335 21.00 34.35 -5.06
CA PRO B 335 20.66 34.12 -3.64
C PRO B 335 20.01 32.75 -3.42
N ILE B 336 20.58 32.01 -2.47
CA ILE B 336 20.14 30.66 -2.13
C ILE B 336 20.08 30.52 -0.61
N VAL B 337 19.37 29.51 -0.16
CA VAL B 337 19.36 29.16 1.26
C VAL B 337 20.70 28.52 1.61
N GLU B 338 21.28 28.93 2.73
CA GLU B 338 22.57 28.40 3.14
C GLU B 338 22.48 27.84 4.55
N PRO B 339 23.23 26.77 4.87
CA PRO B 339 24.06 26.02 3.92
C PRO B 339 23.21 25.14 2.98
N VAL B 340 23.80 24.73 1.86
CA VAL B 340 23.10 23.85 0.95
C VAL B 340 22.87 22.52 1.67
N GLY B 341 21.65 22.00 1.53
CA GLY B 341 21.28 20.75 2.17
C GLY B 341 21.76 19.55 1.40
N GLY B 342 21.34 18.37 1.86
CA GLY B 342 21.80 17.13 1.25
C GLY B 342 21.05 16.71 0.00
N HIS B 343 19.88 17.28 -0.27
CA HIS B 343 19.05 16.81 -1.38
C HIS B 343 18.56 17.89 -2.32
N ALA B 344 18.75 19.16 -2.01
CA ALA B 344 18.14 20.19 -2.82
C ALA B 344 18.88 21.51 -2.61
N VAL B 345 18.79 22.36 -3.63
CA VAL B 345 19.18 23.76 -3.53
C VAL B 345 17.91 24.59 -3.57
N PHE B 346 17.79 25.53 -2.65
CA PHE B 346 16.62 26.41 -2.55
C PHE B 346 17.00 27.83 -3.00
N LEU B 347 16.38 28.30 -4.08
CA LEU B 347 16.57 29.67 -4.52
C LEU B 347 15.69 30.62 -3.72
N ASP B 348 16.27 31.68 -3.16
CA ASP B 348 15.49 32.69 -2.44
C ASP B 348 14.78 33.59 -3.45
N ALA B 349 13.54 33.25 -3.77
CA ALA B 349 12.82 33.99 -4.79
C ALA B 349 12.39 35.37 -4.30
N ARG B 350 12.23 35.53 -2.98
CA ARG B 350 11.93 36.85 -2.42
C ARG B 350 13.04 37.84 -2.77
N ARG B 351 14.28 37.36 -2.79
CA ARG B 351 15.44 38.17 -3.11
C ARG B 351 15.72 38.19 -4.61
N PHE B 352 15.57 37.04 -5.26
CA PHE B 352 15.71 36.93 -6.71
C PHE B 352 14.81 37.93 -7.44
N CYS B 353 13.53 37.97 -7.06
CA CYS B 353 12.57 38.89 -7.66
C CYS B 353 12.20 39.97 -6.63
N GLU B 354 13.17 40.80 -6.28
CA GLU B 354 12.92 41.83 -5.28
C GLU B 354 12.02 42.94 -5.81
N HIS B 355 11.86 43.06 -7.13
CA HIS B 355 10.91 44.00 -7.73
C HIS B 355 9.48 43.48 -7.74
N LEU B 356 9.24 42.26 -7.26
CA LEU B 356 7.92 41.68 -7.17
C LEU B 356 7.51 41.53 -5.70
N THR B 357 6.24 41.75 -5.42
CA THR B 357 5.72 41.45 -4.09
C THR B 357 5.31 39.98 -3.99
N GLN B 358 5.13 39.51 -2.75
CA GLN B 358 4.78 38.12 -2.54
C GLN B 358 3.40 37.79 -3.13
N ASP B 359 2.48 38.77 -3.16
CA ASP B 359 1.17 38.52 -3.75
C ASP B 359 1.23 38.37 -5.27
N GLU B 360 2.35 38.70 -5.91
CA GLU B 360 2.58 38.47 -7.32
C GLU B 360 3.24 37.11 -7.59
N PHE B 361 3.41 36.29 -6.56
CA PHE B 361 3.90 34.91 -6.63
C PHE B 361 5.25 34.85 -7.33
N PRO B 362 6.31 35.41 -6.73
CA PRO B 362 7.62 35.38 -7.42
C PRO B 362 8.21 33.97 -7.52
N ALA B 363 8.01 33.12 -6.51
CA ALA B 363 8.51 31.74 -6.60
C ALA B 363 7.82 30.97 -7.72
N GLN B 364 6.51 31.15 -7.88
CA GLN B 364 5.81 30.48 -8.97
C GLN B 364 6.23 31.05 -10.33
N SER B 365 6.45 32.37 -10.41
CA SER B 365 6.84 32.94 -11.70
C SER B 365 8.30 32.62 -12.04
N LEU B 366 9.17 32.59 -11.03
CA LEU B 366 10.56 32.24 -11.27
C LEU B 366 10.70 30.79 -11.75
N ALA B 367 9.88 29.89 -11.21
CA ALA B 367 9.91 28.50 -11.63
C ALA B 367 9.43 28.34 -13.07
N ALA B 368 8.41 29.11 -13.48
CA ALA B 368 7.98 29.04 -14.86
C ALA B 368 9.06 29.53 -15.80
N SER B 369 9.78 30.61 -15.41
CA SER B 369 10.85 31.13 -16.27
C SER B 369 12.00 30.15 -16.38
N ILE B 370 12.29 29.42 -15.31
CA ILE B 370 13.37 28.46 -15.32
C ILE B 370 13.06 27.35 -16.32
N TYR B 371 11.80 26.90 -16.37
CA TYR B 371 11.47 25.84 -17.32
C TYR B 371 11.53 26.34 -18.76
N VAL B 372 11.01 27.54 -19.02
CA VAL B 372 11.03 28.05 -20.39
C VAL B 372 12.46 28.21 -20.89
N GLU B 373 13.38 28.65 -20.02
CA GLU B 373 14.73 28.93 -20.49
C GLU B 373 15.61 27.68 -20.57
N THR B 374 15.35 26.66 -19.75
CA THR B 374 16.25 25.50 -19.68
C THR B 374 15.58 24.14 -19.87
N GLY B 375 14.26 24.05 -19.79
CA GLY B 375 13.63 22.74 -19.76
C GLY B 375 13.75 22.03 -18.42
N VAL B 376 14.04 22.77 -17.35
CA VAL B 376 14.15 22.24 -16.01
C VAL B 376 12.86 22.54 -15.26
N ARG B 377 12.27 21.53 -14.64
CA ARG B 377 11.13 21.71 -13.76
C ARG B 377 11.60 21.77 -12.32
N SER B 378 11.15 22.79 -11.60
CA SER B 378 11.45 22.98 -10.18
C SER B 378 10.14 23.17 -9.43
N MET B 379 10.20 23.17 -8.10
CA MET B 379 8.98 23.24 -7.32
C MET B 379 8.87 24.58 -6.62
N GLU B 380 7.70 25.20 -6.70
CA GLU B 380 7.41 26.39 -5.91
C GLU B 380 7.21 25.97 -4.47
N ARG B 381 7.90 26.65 -3.54
CA ARG B 381 7.75 26.43 -2.10
C ARG B 381 7.60 27.81 -1.46
N GLY B 382 6.45 28.44 -1.72
CA GLY B 382 6.17 29.75 -1.21
C GLY B 382 4.71 29.97 -0.87
N ILE B 383 4.19 31.15 -1.24
CA ILE B 383 2.83 31.55 -0.88
C ILE B 383 1.79 30.66 -1.54
N ILE B 384 2.07 30.13 -2.73
CA ILE B 384 1.10 29.29 -3.41
C ILE B 384 0.96 27.96 -2.69
N SER B 385 2.08 27.31 -2.38
CA SER B 385 2.06 26.05 -1.63
C SER B 385 1.56 26.24 -0.22
N ALA B 386 1.68 27.44 0.34
CA ALA B 386 1.27 27.65 1.72
C ALA B 386 -0.23 27.50 1.89
N GLY B 387 -1.00 27.75 0.84
CA GLY B 387 -2.45 27.61 0.92
C GLY B 387 -3.11 28.85 1.50
N ARG B 388 -4.41 28.73 1.74
CA ARG B 388 -5.21 29.79 2.34
C ARG B 388 -5.64 29.38 3.74
N ASN B 389 -5.85 30.38 4.59
CA ASN B 389 -6.39 30.13 5.91
C ASN B 389 -7.83 29.63 5.78
N ASN B 390 -8.18 28.63 6.58
CA ASN B 390 -9.48 27.98 6.42
C ASN B 390 -10.63 28.92 6.80
N VAL B 391 -10.50 29.65 7.89
CA VAL B 391 -11.58 30.50 8.38
C VAL B 391 -11.54 31.90 7.76
N THR B 392 -10.37 32.52 7.64
CA THR B 392 -10.30 33.88 7.15
C THR B 392 -10.35 33.95 5.62
N GLY B 393 -9.71 33.01 4.94
CA GLY B 393 -9.63 33.02 3.50
C GLY B 393 -8.46 33.78 2.93
N GLU B 394 -7.58 34.32 3.76
CA GLU B 394 -6.42 35.04 3.27
C GLU B 394 -5.30 34.07 2.98
N HIS B 395 -4.31 34.53 2.23
CA HIS B 395 -3.11 33.75 1.99
C HIS B 395 -2.39 33.48 3.30
N HIS B 396 -1.98 32.24 3.50
CA HIS B 396 -0.91 31.96 4.45
C HIS B 396 0.37 32.52 3.88
N ARG B 397 1.07 33.35 4.65
CA ARG B 397 2.26 34.05 4.16
C ARG B 397 3.51 33.50 4.81
N PRO B 398 4.23 32.59 4.15
CA PRO B 398 5.44 32.03 4.77
C PRO B 398 6.64 32.97 4.64
N LYS B 399 7.52 32.90 5.65
CA LYS B 399 8.76 33.66 5.58
C LYS B 399 9.63 33.22 4.41
N LEU B 400 9.57 31.94 4.05
CA LEU B 400 10.38 31.39 2.98
C LEU B 400 9.58 31.42 1.68
N GLU B 401 10.05 32.21 0.71
CA GLU B 401 9.50 32.23 -0.64
C GLU B 401 10.60 31.70 -1.55
N THR B 402 10.58 30.38 -1.80
CA THR B 402 11.70 29.71 -2.43
C THR B 402 11.26 28.89 -3.64
N VAL B 403 12.23 28.58 -4.49
CA VAL B 403 12.09 27.65 -5.59
C VAL B 403 13.03 26.49 -5.30
N ARG B 404 12.48 25.30 -5.14
CA ARG B 404 13.26 24.14 -4.72
C ARG B 404 13.73 23.38 -5.96
N LEU B 405 15.05 23.28 -6.10
CA LEU B 405 15.71 22.43 -7.11
C LEU B 405 16.11 21.13 -6.41
N THR B 406 15.25 20.13 -6.49
CA THR B 406 15.40 18.88 -5.77
C THR B 406 16.04 17.85 -6.68
N ILE B 407 17.08 17.17 -6.19
CA ILE B 407 17.93 16.33 -7.04
C ILE B 407 17.62 14.86 -6.80
N PRO B 408 17.04 14.15 -7.75
CA PRO B 408 16.90 12.69 -7.60
C PRO B 408 18.27 12.00 -7.58
N ARG B 409 18.32 10.84 -6.93
CA ARG B 409 19.58 10.14 -6.73
C ARG B 409 19.95 9.33 -7.97
N ARG B 410 21.16 9.58 -8.49
CA ARG B 410 21.79 8.82 -9.57
C ARG B 410 21.08 8.99 -10.90
N VAL B 411 20.43 10.13 -11.11
CA VAL B 411 19.65 10.37 -12.31
C VAL B 411 20.33 11.35 -13.25
N TYR B 412 20.98 12.38 -12.69
CA TYR B 412 21.56 13.43 -13.50
C TYR B 412 23.06 13.49 -13.26
N THR B 413 23.74 14.22 -14.12
CA THR B 413 25.19 14.37 -14.11
C THR B 413 25.54 15.83 -13.80
N TYR B 414 26.85 16.08 -13.65
CA TYR B 414 27.29 17.46 -13.47
C TYR B 414 26.95 18.33 -14.66
N ALA B 415 26.97 17.77 -15.89
CA ALA B 415 26.58 18.58 -17.04
C ALA B 415 25.13 19.04 -16.93
N HIS B 416 24.26 18.20 -16.39
CA HIS B 416 22.88 18.62 -16.13
C HIS B 416 22.83 19.71 -15.07
N MET B 417 23.66 19.60 -14.02
CA MET B 417 23.73 20.67 -13.02
C MET B 417 24.18 21.99 -13.67
N ASP B 418 25.05 21.93 -14.68
CA ASP B 418 25.44 23.14 -15.38
C ASP B 418 24.27 23.73 -16.16
N VAL B 419 23.46 22.88 -16.79
CA VAL B 419 22.28 23.37 -17.50
C VAL B 419 21.37 24.13 -16.54
N VAL B 420 21.17 23.58 -15.34
CA VAL B 420 20.35 24.25 -14.34
C VAL B 420 21.00 25.56 -13.91
N ALA B 421 22.30 25.52 -13.62
CA ALA B 421 22.98 26.69 -13.09
C ALA B 421 23.10 27.79 -14.15
N ASP B 422 23.50 27.43 -15.37
CA ASP B 422 23.75 28.44 -16.39
C ASP B 422 22.46 29.17 -16.75
N GLY B 423 21.35 28.44 -16.83
CA GLY B 423 20.09 29.10 -17.13
C GLY B 423 19.62 30.00 -16.02
N ILE B 424 19.78 29.57 -14.77
CA ILE B 424 19.35 30.39 -13.65
C ILE B 424 20.23 31.64 -13.55
N ILE B 425 21.53 31.48 -13.76
CA ILE B 425 22.43 32.62 -13.72
C ILE B 425 22.10 33.64 -14.80
N LYS B 426 21.74 33.16 -15.99
CA LYS B 426 21.35 34.10 -17.06
C LYS B 426 20.06 34.81 -16.70
N LEU B 427 19.11 34.10 -16.07
CA LEU B 427 17.90 34.75 -15.60
C LEU B 427 18.20 35.79 -14.54
N TYR B 428 19.07 35.45 -13.59
CA TYR B 428 19.42 36.40 -12.56
C TYR B 428 20.00 37.69 -13.15
N GLN B 429 20.75 37.57 -14.25
CA GLN B 429 21.38 38.77 -14.83
C GLN B 429 20.38 39.70 -15.47
N HIS B 430 19.21 39.21 -15.85
N HIS B 430 19.20 39.19 -15.83
CA HIS B 430 18.13 40.09 -16.31
CA HIS B 430 18.11 39.99 -16.35
C HIS B 430 16.87 39.82 -15.49
C HIS B 430 16.86 39.83 -15.49
N LYS B 431 17.05 39.66 -14.18
CA LYS B 431 15.94 39.33 -13.29
C LYS B 431 14.86 40.42 -13.24
N GLU B 432 15.18 41.64 -13.65
CA GLU B 432 14.19 42.72 -13.66
C GLU B 432 13.09 42.51 -14.69
N ASP B 433 13.24 41.54 -15.60
CA ASP B 433 12.25 41.26 -16.63
C ASP B 433 11.26 40.17 -16.25
N ILE B 434 11.48 39.50 -15.11
CA ILE B 434 10.56 38.47 -14.65
C ILE B 434 9.25 39.13 -14.21
N ARG B 435 8.15 38.71 -14.81
CA ARG B 435 6.87 39.33 -14.53
C ARG B 435 6.14 38.57 -13.43
N GLY B 436 5.24 39.26 -12.75
CA GLY B 436 4.43 38.63 -11.73
C GLY B 436 3.23 37.91 -12.30
N LEU B 437 2.67 37.03 -11.47
CA LEU B 437 1.58 36.15 -11.86
C LEU B 437 0.32 36.45 -11.04
N LYS B 438 -0.83 36.20 -11.65
CA LYS B 438 -2.11 36.27 -10.98
C LYS B 438 -2.89 34.99 -11.24
N PHE B 439 -3.78 34.66 -10.31
CA PHE B 439 -4.67 33.52 -10.50
C PHE B 439 -5.61 33.76 -11.68
N ILE B 440 -5.78 32.74 -12.51
CA ILE B 440 -6.94 32.64 -13.40
C ILE B 440 -7.80 31.42 -13.07
N TYR B 441 -7.25 30.43 -12.38
CA TYR B 441 -8.03 29.36 -11.77
C TYR B 441 -7.37 28.98 -10.45
N GLU B 442 -8.16 28.94 -9.37
CA GLU B 442 -7.66 28.55 -8.07
C GLU B 442 -8.64 27.56 -7.46
N PRO B 443 -8.24 26.31 -7.25
CA PRO B 443 -9.15 25.34 -6.64
C PRO B 443 -9.26 25.58 -5.14
N LYS B 444 -10.30 24.97 -4.54
CA LYS B 444 -10.57 25.18 -3.13
C LYS B 444 -9.43 24.65 -2.25
N GLN B 445 -8.84 23.51 -2.61
CA GLN B 445 -7.73 22.94 -1.84
C GLN B 445 -6.67 22.41 -2.77
N LEU B 446 -5.50 22.13 -2.20
CA LEU B 446 -4.33 21.69 -2.96
C LEU B 446 -4.10 22.60 -4.16
N ARG B 447 -4.08 23.91 -3.92
CA ARG B 447 -4.04 24.84 -5.04
C ARG B 447 -2.73 24.78 -5.80
N PHE B 448 -1.63 24.42 -5.14
CA PHE B 448 -0.35 24.31 -5.84
C PHE B 448 -0.37 23.21 -6.91
N PHE B 449 -1.32 22.29 -6.83
CA PHE B 449 -1.34 21.12 -7.71
C PHE B 449 -2.01 21.41 -9.05
N THR B 450 -3.05 22.25 -9.07
CA THR B 450 -3.84 22.47 -10.27
C THR B 450 -4.19 23.92 -10.55
N ALA B 451 -3.59 24.88 -9.83
CA ALA B 451 -3.89 26.28 -10.12
C ALA B 451 -3.31 26.69 -11.46
N ARG B 452 -3.95 27.67 -12.08
CA ARG B 452 -3.50 28.24 -13.35
C ARG B 452 -3.34 29.74 -13.20
N PHE B 453 -2.35 30.30 -13.89
CA PHE B 453 -1.97 31.69 -13.74
C PHE B 453 -1.85 32.37 -15.10
N ASP B 454 -1.65 33.68 -15.05
CA ASP B 454 -1.29 34.46 -16.22
C ASP B 454 -0.47 35.65 -15.76
N TYR B 455 0.34 36.18 -16.67
CA TYR B 455 1.22 37.29 -16.34
C TYR B 455 0.43 38.55 -16.02
N ILE B 456 1.03 39.41 -15.21
CA ILE B 456 0.46 40.69 -14.85
C ILE B 456 1.02 41.78 -15.76
K K C . 2.01 -9.24 -4.41
C4 CQG D . -24.10 -22.49 -17.34
C3 CQG D . -24.58 -22.40 -18.59
C2 CQG D . -22.77 -23.68 -19.52
C1 CQG D . -22.17 -23.85 -18.33
O CQG D . -22.35 -23.37 -16.01
C CQG D . -22.83 -23.24 -17.14
N CQG D . -23.93 -22.97 -19.67
C4 CQG E . -8.12 -11.50 3.84
C3 CQG E . -7.01 -11.08 3.25
C2 CQG E . -7.65 -8.81 3.31
C1 CQG E . -8.81 -9.06 3.90
O CQG E . -10.16 -10.78 4.75
C CQG E . -9.12 -10.47 4.21
N CQG E . -6.75 -9.77 2.99
O 0JO F . -9.85 -12.02 -0.52
C 0JO F . -8.67 -11.67 -0.42
OXT 0JO F . -7.70 -12.46 -0.29
CA 0JO F . -8.40 -10.23 -0.46
CB 0JO F . -7.20 -9.75 -0.25
N 0JO F . -9.44 -9.38 -0.69
C4A 0JO F . -9.25 -8.15 -0.96
C4 0JO F . -10.42 -7.36 -1.17
C3 0JO F . -11.60 -7.92 -1.56
O3 0JO F . -11.76 -9.19 -1.82
C2 0JO F . -12.69 -7.17 -1.74
C2A 0JO F . -13.93 -7.76 -2.18
N1 0JO F . -12.71 -5.87 -1.52
C6 0JO F . -11.61 -5.33 -1.13
C5 0JO F . -10.42 -6.01 -0.93
C5A 0JO F . -9.25 -5.20 -0.49
OP4 0JO F . -8.42 -4.99 -1.45
P 0JO F . -6.89 -4.81 -1.15
OP3 0JO F . -6.47 -6.17 -0.68
OP1 0JO F . -6.44 -4.40 -2.48
OP2 0JO F . -6.95 -3.74 -0.13
K K G . 7.88 7.05 -8.30
C4 CQG H . 9.74 11.39 -21.77
C3 CQG H . 9.15 10.39 -21.12
C2 CQG H . 9.96 11.09 -18.99
C1 CQG H . 10.60 12.15 -19.48
O CQG H . 11.11 13.32 -21.48
C CQG H . 10.54 12.37 -20.97
N CQG H . 9.24 10.23 -19.77
O22 P33 I . 26.14 22.28 -20.15
C21 P33 I . 27.16 21.31 -20.15
C20 P33 I . 28.49 21.86 -19.64
O19 P33 I . 29.40 20.83 -19.41
C18 P33 I . 30.18 20.49 -20.52
C17 P33 I . 31.66 20.43 -20.17
O16 P33 I . 31.85 19.69 -19.01
C15 P33 I . 32.71 20.27 -18.07
C14 P33 I . 32.47 19.67 -16.68
O13 P33 I . 33.54 20.02 -15.85
C12 P33 I . 33.17 20.59 -14.63
C11 P33 I . 32.43 19.57 -13.77
O10 P33 I . 32.90 19.65 -12.45
C9 P33 I . 33.18 18.42 -11.84
C8 P33 I . 34.05 17.54 -12.74
O7 P33 I . 35.04 16.90 -11.97
C6 P33 I . 34.78 15.55 -11.69
C5 P33 I . 36.07 14.75 -11.70
O4 P33 I . 37.14 15.52 -11.20
C3 P33 I . 38.33 14.81 -10.96
C2 P33 I . 38.23 14.06 -9.63
O1 P33 I . 38.22 14.96 -8.55
N DHA J . 8.88 13.91 1.26
CA DHA J . 8.53 14.48 0.11
CB DHA J . 7.52 14.00 -0.59
C DHA J . 9.21 15.66 -0.42
O DHA J . 10.00 16.31 0.28
OXT DHA J . 8.97 15.99 -1.59
#